data_8DMF
#
_entry.id   8DMF
#
loop_
_entity.id
_entity.type
_entity.pdbx_description
1 polymer 'Tetracycline resistance protein TetQ'
2 non-polymer 'MAGNESIUM ION'
3 non-polymer "GUANOSINE-5'-TRIPHOSPHATE"
#
_entity_poly.entity_id   1
_entity_poly.type   'polypeptide(L)'
_entity_poly.pdbx_seq_one_letter_code
;MKVYQTNEIKNIALLGSSGSGKTTLVEAMLFESGVIKRRGSVAAKNTVSDYFPVEQEYGYSVFSTVLHVEWNNKKLNIID
CPGSDDFVGSTVTALNVTDTAIILLNGQYGVEVGTQNHFRYTEKLNKPVIFLVNQLDNEKCDYDNILEQLKEAYGSKVVP
IQYPIATGPGFNALIDVLLMKKYSWKPEGGAPVIEDIPAEEMDKAMEMHKALVEAAAENDEGLMEKFFEQDSLTEDEMRE
GIRKGLIARGMFPVFCVCGGKDMGVRRLMEFLGNVVPFVSEMPKVENTDGKEVAPDVNGPESLYFFKTSVEPHIGEVSYF
KVMSGKVREGDDLLNADRGSKERIAQIYVVAGGNRVKVEELQAGDIGAAVKLKDVKTGNTLNGKDCDYKFNFIKYPNSKY
SRAIKPVNEADVEKMMTILNRMREEDPTWVIEQSKELKQTLVHGQGEFHLRTLKWRLENNEKLQVKFEEPKIPYRETITK
AARADYRHKKQSGGAGQFGEVHLIVEPYKEGMPVPDTYKFNGQEFKITVRGTEEIPLEWGGKLVFINSIVGGSIDARFLP
AIMKGIMSRLEQGPLTGSYARDVRVIVYDGKMHPVDSNEISFMLAGRNAFSEAFKNAGPKILEPIYDVEVFVPSDRMGDV
MGDLQGRRAMIMGMSSEKGFEKLVAKVPLKEMSSYSTALSSLTGGRASFIMKFASYELVPTDVQDKLIKDFEAKQTEE
;
_entity_poly.pdbx_strand_id   A
#
loop_
_chem_comp.id
_chem_comp.type
_chem_comp.name
_chem_comp.formula
GTP non-polymer GUANOSINE-5'-TRIPHOSPHATE 'C10 H16 N5 O14 P3'
MG non-polymer 'MAGNESIUM ION' 'Mg 2'
#
# COMPACT_ATOMS: atom_id res chain seq x y z
N MET A 1 15.18 -29.90 6.45
CA MET A 1 14.81 -31.30 6.46
C MET A 1 14.55 -31.83 5.04
N LYS A 2 13.70 -32.84 4.92
CA LYS A 2 13.51 -33.53 3.64
C LYS A 2 13.05 -32.56 2.55
N VAL A 3 13.70 -32.65 1.39
CA VAL A 3 13.34 -31.79 0.28
C VAL A 3 12.00 -32.21 -0.31
N TYR A 4 11.22 -31.24 -0.76
CA TYR A 4 9.93 -31.48 -1.37
C TYR A 4 9.93 -30.96 -2.81
N GLN A 5 9.34 -31.75 -3.71
CA GLN A 5 9.20 -31.31 -5.09
C GLN A 5 8.16 -30.19 -5.18
N THR A 6 8.31 -29.37 -6.22
CA THR A 6 7.34 -28.30 -6.45
C THR A 6 5.94 -28.83 -6.70
N ASN A 7 5.82 -30.08 -7.16
CA ASN A 7 4.51 -30.69 -7.36
C ASN A 7 3.84 -31.08 -6.05
N GLU A 8 4.56 -31.02 -4.93
CA GLU A 8 4.03 -31.38 -3.62
C GLU A 8 4.03 -30.21 -2.65
N ILE A 9 4.19 -28.99 -3.16
CA ILE A 9 4.31 -27.79 -2.33
C ILE A 9 3.19 -26.83 -2.72
N LYS A 10 2.46 -26.34 -1.73
CA LYS A 10 1.36 -25.41 -1.95
C LYS A 10 1.52 -24.21 -1.03
N ASN A 11 1.12 -23.04 -1.52
CA ASN A 11 1.20 -21.79 -0.78
C ASN A 11 -0.22 -21.31 -0.49
N ILE A 12 -0.51 -21.09 0.79
CA ILE A 12 -1.84 -20.72 1.25
C ILE A 12 -1.73 -19.48 2.12
N ALA A 13 -2.58 -18.49 1.87
CA ALA A 13 -2.65 -17.27 2.66
C ALA A 13 -4.02 -17.17 3.30
N LEU A 14 -4.06 -17.11 4.62
CA LEU A 14 -5.32 -16.98 5.34
C LEU A 14 -5.74 -15.52 5.40
N LEU A 15 -7.04 -15.28 5.24
CA LEU A 15 -7.60 -13.93 5.32
C LEU A 15 -8.87 -13.97 6.15
N GLY A 16 -9.06 -12.93 6.95
CA GLY A 16 -10.23 -12.84 7.79
C GLY A 16 -10.26 -11.58 8.63
N SER A 17 -11.45 -11.18 9.08
CA SER A 17 -11.57 -10.01 9.92
C SER A 17 -10.98 -10.27 11.31
N SER A 18 -10.75 -9.20 12.04
CA SER A 18 -10.28 -9.34 13.42
C SER A 18 -11.33 -10.02 14.28
N GLY A 19 -10.86 -10.74 15.29
CA GLY A 19 -11.77 -11.50 16.13
C GLY A 19 -12.45 -12.64 15.42
N SER A 20 -11.74 -13.34 14.53
CA SER A 20 -12.30 -14.43 13.76
C SER A 20 -11.75 -15.79 14.17
N GLY A 21 -10.85 -15.85 15.15
CA GLY A 21 -10.26 -17.10 15.56
C GLY A 21 -9.41 -17.77 14.51
N LYS A 22 -8.63 -16.98 13.78
CA LYS A 22 -7.77 -17.53 12.70
C LYS A 22 -6.38 -17.87 13.26
N THR A 23 -5.66 -16.88 13.79
CA THR A 23 -4.29 -17.14 14.29
C THR A 23 -4.34 -18.37 15.20
N THR A 24 -5.39 -18.50 16.01
CA THR A 24 -5.55 -19.71 16.85
C THR A 24 -5.57 -20.93 15.95
N LEU A 25 -6.53 -20.97 15.02
CA LEU A 25 -6.57 -22.08 14.08
C LEU A 25 -5.18 -22.41 13.55
N VAL A 26 -4.34 -21.39 13.37
CA VAL A 26 -2.97 -21.63 12.95
C VAL A 26 -2.26 -22.49 13.98
N GLU A 27 -2.42 -22.16 15.26
CA GLU A 27 -1.85 -23.00 16.31
C GLU A 27 -2.46 -24.39 16.30
N ALA A 28 -3.72 -24.52 15.88
CA ALA A 28 -4.31 -25.85 15.75
C ALA A 28 -3.58 -26.67 14.69
N MET A 29 -3.31 -26.07 13.54
CA MET A 29 -2.52 -26.77 12.52
C MET A 29 -1.13 -27.12 13.03
N LEU A 30 -0.48 -26.18 13.72
CA LEU A 30 0.86 -26.47 14.23
C LEU A 30 0.85 -27.61 15.24
N PHE A 31 -0.15 -27.63 16.12
CA PHE A 31 -0.25 -28.71 17.10
C PHE A 31 -0.53 -30.04 16.44
N GLU A 32 -1.45 -30.08 15.48
CA GLU A 32 -1.79 -31.35 14.85
C GLU A 32 -0.71 -31.83 13.89
N SER A 33 0.16 -30.94 13.41
CA SER A 33 1.26 -31.37 12.56
C SER A 33 2.32 -32.12 13.36
N GLY A 34 2.31 -31.96 14.68
CA GLY A 34 3.29 -32.60 15.53
C GLY A 34 4.60 -31.87 15.66
N VAL A 35 4.78 -30.74 14.95
CA VAL A 35 6.02 -29.98 15.06
C VAL A 35 6.14 -29.37 16.45
N ILE A 36 5.03 -28.95 17.04
CA ILE A 36 5.02 -28.47 18.42
C ILE A 36 4.37 -29.54 19.29
N LYS A 37 4.47 -29.34 20.61
CA LYS A 37 4.02 -30.36 21.56
C LYS A 37 2.62 -30.06 22.11
N ARG A 38 2.45 -28.90 22.73
CA ARG A 38 1.15 -28.50 23.27
C ARG A 38 0.50 -27.49 22.35
N ARG A 39 -0.82 -27.33 22.51
CA ARG A 39 -1.59 -26.34 21.77
C ARG A 39 -1.81 -25.15 22.71
N GLY A 40 -1.03 -24.09 22.51
CA GLY A 40 -1.15 -22.92 23.35
C GLY A 40 -2.39 -22.11 23.05
N SER A 41 -2.62 -21.12 23.90
CA SER A 41 -3.76 -20.22 23.78
C SER A 41 -3.27 -18.79 23.67
N VAL A 42 -3.97 -17.99 22.85
CA VAL A 42 -3.59 -16.60 22.67
C VAL A 42 -3.73 -15.83 23.97
N ALA A 43 -4.64 -16.26 24.85
CA ALA A 43 -4.76 -15.62 26.16
C ALA A 43 -3.48 -15.82 26.98
N ALA A 44 -2.91 -17.03 26.95
CA ALA A 44 -1.66 -17.30 27.62
C ALA A 44 -0.47 -16.64 26.93
N LYS A 45 -0.64 -16.17 25.70
CA LYS A 45 0.42 -15.53 24.93
C LYS A 45 1.64 -16.45 24.79
N ASN A 46 1.38 -17.76 24.64
CA ASN A 46 2.42 -18.74 24.43
C ASN A 46 2.35 -19.35 23.04
N THR A 47 1.53 -18.78 22.16
CA THR A 47 1.36 -19.28 20.81
C THR A 47 2.62 -19.04 19.98
N VAL A 48 3.01 -20.04 19.20
CA VAL A 48 4.22 -19.92 18.39
C VAL A 48 4.05 -18.87 17.30
N SER A 49 2.84 -18.75 16.73
CA SER A 49 2.63 -17.78 15.66
C SER A 49 2.79 -16.35 16.15
N ASP A 50 2.55 -16.10 17.44
CA ASP A 50 2.66 -14.77 18.03
C ASP A 50 3.95 -14.71 18.85
N TYR A 51 4.98 -14.09 18.27
CA TYR A 51 6.24 -13.91 18.98
C TYR A 51 6.77 -12.49 18.94
N PHE A 52 6.31 -11.65 18.01
CA PHE A 52 6.66 -10.25 18.06
C PHE A 52 6.10 -9.63 19.34
N PRO A 53 6.90 -8.85 20.08
CA PRO A 53 6.42 -8.36 21.38
C PRO A 53 5.10 -7.60 21.30
N VAL A 54 4.93 -6.76 20.28
CA VAL A 54 3.67 -6.07 20.10
C VAL A 54 2.55 -7.06 19.77
N GLU A 55 2.89 -8.18 19.14
CA GLU A 55 1.86 -9.10 18.68
C GLU A 55 1.12 -9.74 19.84
N GLN A 56 1.83 -10.11 20.91
CA GLN A 56 1.15 -10.55 22.12
C GLN A 56 0.76 -9.37 23.02
N GLU A 57 1.45 -8.24 22.92
CA GLU A 57 1.07 -7.09 23.73
C GLU A 57 -0.29 -6.56 23.34
N TYR A 58 -0.61 -6.56 22.04
CA TYR A 58 -1.91 -6.11 21.57
C TYR A 58 -2.98 -7.18 21.66
N GLY A 59 -2.60 -8.44 21.91
CA GLY A 59 -3.55 -9.52 21.92
C GLY A 59 -3.99 -10.01 20.57
N TYR A 60 -3.39 -9.51 19.49
CA TYR A 60 -3.69 -10.00 18.15
C TYR A 60 -2.48 -9.82 17.26
N SER A 61 -2.47 -10.55 16.15
CA SER A 61 -1.34 -10.51 15.23
C SER A 61 -1.19 -9.13 14.60
N VAL A 62 0.05 -8.70 14.45
CA VAL A 62 0.38 -7.40 13.89
C VAL A 62 1.02 -7.55 12.51
N PHE A 63 1.93 -8.50 12.35
CA PHE A 63 2.60 -8.75 11.09
C PHE A 63 2.14 -10.09 10.51
N SER A 64 2.17 -10.17 9.19
CA SER A 64 1.93 -11.46 8.53
C SER A 64 3.06 -12.41 8.86
N THR A 65 2.71 -13.66 9.14
CA THR A 65 3.69 -14.68 9.48
C THR A 65 3.68 -15.79 8.44
N VAL A 66 4.85 -16.38 8.20
CA VAL A 66 5.01 -17.46 7.26
C VAL A 66 5.41 -18.72 8.02
N LEU A 67 4.83 -19.85 7.65
CA LEU A 67 5.09 -21.08 8.35
C LEU A 67 4.69 -22.26 7.47
N HIS A 68 5.28 -23.41 7.77
CA HIS A 68 5.08 -24.64 7.00
C HIS A 68 4.44 -25.70 7.87
N VAL A 69 3.51 -26.46 7.28
CA VAL A 69 2.88 -27.59 7.93
C VAL A 69 3.05 -28.81 7.04
N GLU A 70 3.44 -29.93 7.62
CA GLU A 70 3.69 -31.16 6.89
C GLU A 70 2.52 -32.12 7.02
N TRP A 71 2.22 -32.81 5.94
CA TRP A 71 1.16 -33.82 5.92
C TRP A 71 1.64 -34.96 5.03
N ASN A 72 0.71 -35.82 4.62
CA ASN A 72 1.06 -36.99 3.81
C ASN A 72 1.54 -36.57 2.43
N ASN A 73 2.86 -36.52 2.26
CA ASN A 73 3.54 -36.17 1.01
C ASN A 73 3.22 -34.76 0.55
N LYS A 74 2.56 -33.95 1.36
CA LYS A 74 2.24 -32.58 1.00
C LYS A 74 2.63 -31.64 2.14
N LYS A 75 3.25 -30.53 1.79
CA LYS A 75 3.61 -29.49 2.75
C LYS A 75 3.00 -28.17 2.30
N LEU A 76 2.33 -27.49 3.21
CA LEU A 76 1.58 -26.28 2.88
C LEU A 76 2.32 -25.06 3.43
N ASN A 77 2.52 -24.07 2.56
CA ASN A 77 3.12 -22.80 2.96
C ASN A 77 1.99 -21.89 3.44
N ILE A 78 1.78 -21.89 4.75
CA ILE A 78 0.68 -21.13 5.35
C ILE A 78 1.19 -19.75 5.72
N ILE A 79 0.53 -18.72 5.19
CA ILE A 79 0.82 -17.34 5.53
C ILE A 79 -0.41 -16.75 6.19
N ASP A 80 -0.26 -16.30 7.43
CA ASP A 80 -1.36 -15.75 8.21
C ASP A 80 -1.25 -14.24 8.21
N CYS A 81 -2.16 -13.57 7.49
CA CYS A 81 -2.18 -12.13 7.47
C CYS A 81 -2.63 -11.58 8.82
N PRO A 82 -2.26 -10.34 9.15
CA PRO A 82 -2.72 -9.75 10.41
C PRO A 82 -4.23 -9.69 10.53
N GLY A 83 -4.94 -9.59 9.41
CA GLY A 83 -6.39 -9.63 9.44
C GLY A 83 -7.06 -8.36 9.90
N SER A 84 -6.34 -7.26 10.03
CA SER A 84 -6.92 -5.98 10.42
C SER A 84 -7.05 -5.07 9.21
N ASP A 85 -7.80 -3.99 9.40
CA ASP A 85 -8.07 -3.04 8.32
C ASP A 85 -6.88 -2.15 7.99
N ASP A 86 -6.01 -1.87 8.96
CA ASP A 86 -4.90 -0.96 8.77
C ASP A 86 -3.58 -1.67 8.52
N PHE A 87 -3.61 -2.97 8.25
CA PHE A 87 -2.40 -3.71 7.91
C PHE A 87 -2.54 -4.30 6.52
N VAL A 88 -2.99 -3.47 5.58
CA VAL A 88 -3.25 -3.93 4.21
C VAL A 88 -1.98 -4.40 3.53
N GLY A 89 -0.84 -3.79 3.85
CA GLY A 89 0.39 -4.12 3.14
C GLY A 89 0.82 -5.56 3.32
N SER A 90 0.76 -6.07 4.55
CA SER A 90 1.10 -7.46 4.78
C SER A 90 0.17 -8.38 4.00
N THR A 91 -1.13 -8.05 3.99
CA THR A 91 -2.11 -8.86 3.26
C THR A 91 -1.80 -8.87 1.77
N VAL A 92 -1.50 -7.71 1.19
CA VAL A 92 -1.27 -7.66 -0.26
C VAL A 92 0.03 -8.36 -0.61
N THR A 93 1.06 -8.24 0.25
CA THR A 93 2.28 -9.01 0.01
C THR A 93 2.01 -10.51 0.04
N ALA A 94 1.23 -10.96 1.03
CA ALA A 94 0.89 -12.37 1.12
C ALA A 94 0.15 -12.82 -0.13
N LEU A 95 -0.83 -12.02 -0.58
CA LEU A 95 -1.59 -12.38 -1.77
C LEU A 95 -0.69 -12.45 -2.99
N ASN A 96 0.24 -11.50 -3.12
CA ASN A 96 1.15 -11.51 -4.26
C ASN A 96 2.08 -12.71 -4.22
N VAL A 97 2.44 -13.21 -3.04
CA VAL A 97 3.41 -14.30 -2.96
C VAL A 97 2.71 -15.65 -2.92
N THR A 98 1.50 -15.70 -2.37
CA THR A 98 0.81 -16.97 -2.18
C THR A 98 0.21 -17.46 -3.50
N ASP A 99 -0.50 -18.58 -3.42
CA ASP A 99 -1.22 -19.15 -4.55
C ASP A 99 -2.74 -19.09 -4.40
N THR A 100 -3.25 -19.26 -3.17
CA THR A 100 -4.67 -19.29 -2.92
C THR A 100 -4.98 -18.52 -1.65
N ALA A 101 -6.19 -17.97 -1.57
CA ALA A 101 -6.63 -17.21 -0.42
C ALA A 101 -7.77 -17.95 0.28
N ILE A 102 -7.76 -17.91 1.61
CA ILE A 102 -8.76 -18.59 2.43
C ILE A 102 -9.44 -17.55 3.31
N ILE A 103 -10.76 -17.60 3.37
CA ILE A 103 -11.56 -16.67 4.15
C ILE A 103 -12.21 -17.44 5.29
N LEU A 104 -12.04 -16.95 6.52
CA LEU A 104 -12.64 -17.55 7.70
C LEU A 104 -13.80 -16.68 8.17
N LEU A 105 -14.95 -17.31 8.40
CA LEU A 105 -16.16 -16.62 8.79
C LEU A 105 -16.46 -16.89 10.26
N ASN A 106 -16.68 -15.84 11.03
CA ASN A 106 -17.07 -15.99 12.43
C ASN A 106 -18.58 -16.26 12.50
N GLY A 107 -18.94 -17.37 13.15
CA GLY A 107 -20.34 -17.72 13.26
C GLY A 107 -21.15 -16.70 14.05
N GLN A 108 -20.54 -16.08 15.06
CA GLN A 108 -21.25 -15.10 15.87
C GLN A 108 -21.56 -13.85 15.08
N TYR A 109 -20.58 -13.31 14.34
CA TYR A 109 -20.77 -12.08 13.59
C TYR A 109 -21.26 -12.30 12.17
N GLY A 110 -21.13 -13.52 11.64
CA GLY A 110 -21.49 -13.72 10.26
C GLY A 110 -20.55 -12.98 9.32
N VAL A 111 -21.10 -12.55 8.18
CA VAL A 111 -20.31 -11.80 7.22
C VAL A 111 -19.97 -10.43 7.79
N GLU A 112 -18.70 -10.06 7.72
CA GLU A 112 -18.21 -8.81 8.31
C GLU A 112 -17.62 -7.95 7.21
N VAL A 113 -17.47 -6.65 7.51
CA VAL A 113 -16.96 -5.71 6.51
C VAL A 113 -15.51 -6.01 6.15
N GLY A 114 -14.72 -6.49 7.12
CA GLY A 114 -13.36 -6.90 6.81
C GLY A 114 -13.33 -8.04 5.81
N THR A 115 -14.30 -8.94 5.88
CA THR A 115 -14.43 -9.98 4.86
C THR A 115 -14.67 -9.36 3.50
N GLN A 116 -15.51 -8.32 3.43
CA GLN A 116 -15.73 -7.63 2.16
C GLN A 116 -14.43 -7.00 1.64
N ASN A 117 -13.65 -6.39 2.54
CA ASN A 117 -12.39 -5.78 2.12
C ASN A 117 -11.42 -6.82 1.57
N HIS A 118 -11.30 -7.96 2.27
CA HIS A 118 -10.40 -9.01 1.80
C HIS A 118 -10.88 -9.59 0.48
N PHE A 119 -12.19 -9.75 0.32
CA PHE A 119 -12.73 -10.24 -0.94
C PHE A 119 -12.44 -9.27 -2.07
N ARG A 120 -12.56 -7.96 -1.80
CA ARG A 120 -12.22 -6.98 -2.82
C ARG A 120 -10.75 -7.04 -3.19
N TYR A 121 -9.88 -7.20 -2.19
CA TYR A 121 -8.45 -7.32 -2.45
C TYR A 121 -8.15 -8.53 -3.34
N THR A 122 -8.72 -9.68 -2.99
CA THR A 122 -8.43 -10.88 -3.78
C THR A 122 -9.09 -10.84 -5.15
N GLU A 123 -10.21 -10.14 -5.28
CA GLU A 123 -10.78 -9.91 -6.61
C GLU A 123 -9.85 -9.05 -7.45
N LYS A 124 -9.26 -8.02 -6.83
CA LYS A 124 -8.29 -7.18 -7.53
C LYS A 124 -7.07 -7.99 -7.96
N LEU A 125 -6.60 -8.87 -7.09
CA LEU A 125 -5.42 -9.68 -7.39
C LEU A 125 -5.77 -10.99 -8.10
N ASN A 126 -7.05 -11.32 -8.25
CA ASN A 126 -7.51 -12.47 -9.03
C ASN A 126 -6.90 -13.77 -8.50
N LYS A 127 -7.27 -14.10 -7.26
CA LYS A 127 -6.82 -15.33 -6.63
C LYS A 127 -8.02 -16.18 -6.23
N PRO A 128 -7.86 -17.51 -6.22
CA PRO A 128 -8.97 -18.38 -5.79
C PRO A 128 -9.29 -18.17 -4.32
N VAL A 129 -10.56 -18.37 -3.98
CA VAL A 129 -11.07 -18.09 -2.65
C VAL A 129 -11.89 -19.29 -2.16
N ILE A 130 -11.61 -19.74 -0.95
CA ILE A 130 -12.40 -20.78 -0.28
C ILE A 130 -12.91 -20.20 1.03
N PHE A 131 -14.21 -20.30 1.25
CA PHE A 131 -14.84 -19.78 2.46
C PHE A 131 -14.78 -20.83 3.56
N LEU A 132 -14.72 -20.36 4.80
CA LEU A 132 -14.63 -21.24 5.95
C LEU A 132 -15.31 -20.57 7.13
N VAL A 133 -15.92 -21.38 7.99
CA VAL A 133 -16.68 -20.91 9.14
C VAL A 133 -15.94 -21.31 10.42
N ASN A 134 -15.71 -20.34 11.29
CA ASN A 134 -15.10 -20.59 12.59
C ASN A 134 -16.13 -20.36 13.70
N GLN A 135 -15.73 -20.72 14.92
CA GLN A 135 -16.54 -20.49 16.12
C GLN A 135 -17.91 -21.16 16.01
N LEU A 136 -17.89 -22.48 15.88
CA LEU A 136 -19.11 -23.27 15.98
C LEU A 136 -19.44 -23.66 17.41
N ASP A 137 -18.55 -23.35 18.36
CA ASP A 137 -18.81 -23.60 19.77
C ASP A 137 -19.66 -22.51 20.41
N ASN A 138 -19.94 -21.42 19.71
CA ASN A 138 -20.74 -20.34 20.25
C ASN A 138 -22.22 -20.59 19.95
N GLU A 139 -23.05 -20.39 20.96
CA GLU A 139 -24.49 -20.57 20.78
C GLU A 139 -25.06 -19.56 19.79
N LYS A 140 -24.51 -18.36 19.76
CA LYS A 140 -24.98 -17.30 18.86
C LYS A 140 -24.49 -17.55 17.43
N CYS A 141 -24.87 -18.70 16.89
CA CYS A 141 -24.45 -19.08 15.55
C CYS A 141 -25.53 -19.94 14.92
N ASP A 142 -25.71 -19.77 13.60
CA ASP A 142 -26.66 -20.57 12.84
C ASP A 142 -26.03 -20.82 11.46
N TYR A 143 -25.74 -22.09 11.16
CA TYR A 143 -25.11 -22.41 9.89
C TYR A 143 -26.01 -22.05 8.72
N ASP A 144 -27.33 -22.27 8.86
CA ASP A 144 -28.25 -21.89 7.80
C ASP A 144 -28.29 -20.38 7.64
N ASN A 145 -28.24 -19.63 8.74
CA ASN A 145 -28.29 -18.18 8.66
C ASN A 145 -27.09 -17.62 7.91
N ILE A 146 -25.88 -18.06 8.27
CA ILE A 146 -24.70 -17.59 7.56
C ILE A 146 -24.69 -18.12 6.12
N LEU A 147 -25.20 -19.33 5.90
CA LEU A 147 -25.31 -19.86 4.55
C LEU A 147 -26.13 -18.93 3.68
N GLU A 148 -27.34 -18.57 4.12
CA GLU A 148 -28.20 -17.71 3.30
C GLU A 148 -27.65 -16.29 3.23
N GLN A 149 -26.99 -15.82 4.28
CA GLN A 149 -26.34 -14.51 4.23
C GLN A 149 -25.31 -14.46 3.11
N LEU A 150 -24.50 -15.52 2.99
CA LEU A 150 -23.49 -15.54 1.94
C LEU A 150 -24.11 -15.83 0.58
N LYS A 151 -25.23 -16.57 0.54
CA LYS A 151 -25.97 -16.75 -0.71
C LYS A 151 -26.41 -15.40 -1.27
N GLU A 152 -26.98 -14.55 -0.42
CA GLU A 152 -27.47 -13.25 -0.85
C GLU A 152 -26.39 -12.17 -0.87
N ALA A 153 -25.19 -12.47 -0.36
CA ALA A 153 -24.10 -11.51 -0.41
C ALA A 153 -23.35 -11.59 -1.74
N TYR A 154 -23.00 -12.78 -2.18
CA TYR A 154 -22.27 -13.00 -3.42
C TYR A 154 -23.09 -13.89 -4.36
N GLY A 155 -22.48 -14.27 -5.47
CA GLY A 155 -23.18 -15.03 -6.48
C GLY A 155 -23.49 -16.45 -6.03
N SER A 156 -24.36 -17.10 -6.81
CA SER A 156 -24.75 -18.48 -6.55
C SER A 156 -23.64 -19.48 -6.87
N LYS A 157 -22.54 -19.02 -7.47
CA LYS A 157 -21.42 -19.90 -7.81
C LYS A 157 -20.86 -20.62 -6.58
N VAL A 158 -21.03 -20.04 -5.40
CA VAL A 158 -20.55 -20.65 -4.17
C VAL A 158 -21.43 -21.83 -3.78
N VAL A 159 -20.87 -22.73 -2.97
CA VAL A 159 -21.58 -23.91 -2.51
C VAL A 159 -20.92 -24.45 -1.25
N PRO A 160 -21.68 -24.82 -0.22
CA PRO A 160 -21.08 -25.43 0.96
C PRO A 160 -20.63 -26.86 0.69
N ILE A 161 -19.65 -27.30 1.48
CA ILE A 161 -19.10 -28.64 1.36
C ILE A 161 -19.41 -29.51 2.57
N GLN A 162 -19.65 -28.93 3.74
CA GLN A 162 -19.94 -29.68 4.94
C GLN A 162 -21.23 -29.17 5.56
N TYR A 163 -21.94 -30.07 6.23
CA TYR A 163 -23.25 -29.78 6.83
C TYR A 163 -23.18 -30.12 8.31
N PRO A 164 -22.78 -29.17 9.15
CA PRO A 164 -22.76 -29.43 10.60
C PRO A 164 -24.16 -29.71 11.12
N ILE A 165 -24.23 -30.59 12.12
CA ILE A 165 -25.50 -30.98 12.70
C ILE A 165 -25.73 -30.22 14.01
N ALA A 166 -24.83 -30.42 14.96
CA ALA A 166 -24.93 -29.71 16.23
C ALA A 166 -24.43 -28.28 16.10
N THR A 167 -24.78 -27.45 17.08
CA THR A 167 -24.38 -26.06 17.09
C THR A 167 -24.06 -25.64 18.52
N GLY A 168 -23.35 -24.53 18.65
CA GLY A 168 -23.01 -23.97 19.93
C GLY A 168 -22.06 -24.84 20.71
N PRO A 169 -22.07 -24.71 22.04
CA PRO A 169 -21.15 -25.50 22.87
C PRO A 169 -21.38 -26.99 22.78
N GLY A 170 -22.56 -27.43 22.37
CA GLY A 170 -22.85 -28.84 22.20
C GLY A 170 -22.37 -29.43 20.90
N PHE A 171 -21.60 -28.69 20.12
CA PHE A 171 -21.11 -29.20 18.84
C PHE A 171 -20.12 -30.33 19.07
N ASN A 172 -20.45 -31.51 18.54
CA ASN A 172 -19.56 -32.66 18.64
C ASN A 172 -19.48 -33.47 17.36
N ALA A 173 -20.14 -33.06 16.28
CA ALA A 173 -20.12 -33.81 15.04
C ALA A 173 -20.53 -32.91 13.89
N LEU A 174 -20.18 -33.35 12.68
CA LEU A 174 -20.61 -32.69 11.46
C LEU A 174 -20.61 -33.71 10.33
N ILE A 175 -21.15 -33.31 9.19
CA ILE A 175 -21.33 -34.21 8.04
C ILE A 175 -20.49 -33.69 6.88
N ASP A 176 -19.66 -34.58 6.32
CA ASP A 176 -18.94 -34.29 5.09
C ASP A 176 -19.78 -34.76 3.91
N VAL A 177 -19.84 -33.93 2.88
CA VAL A 177 -20.68 -34.18 1.72
C VAL A 177 -19.85 -34.54 0.49
N LEU A 178 -18.68 -33.93 0.33
CA LEU A 178 -17.84 -34.24 -0.82
C LEU A 178 -17.42 -35.70 -0.81
N LEU A 179 -17.03 -36.22 0.35
CA LEU A 179 -16.66 -37.62 0.49
C LEU A 179 -17.78 -38.47 1.08
N MET A 180 -18.94 -37.88 1.34
CA MET A 180 -20.12 -38.61 1.82
C MET A 180 -19.80 -39.35 3.12
N LYS A 181 -19.53 -38.55 4.16
CA LYS A 181 -19.13 -39.11 5.45
C LYS A 181 -19.63 -38.21 6.57
N LYS A 182 -19.70 -38.78 7.77
CA LYS A 182 -20.00 -38.02 8.97
C LYS A 182 -18.80 -38.11 9.91
N TYR A 183 -18.45 -36.99 10.53
CA TYR A 183 -17.30 -36.92 11.40
C TYR A 183 -17.74 -36.54 12.81
N SER A 184 -17.23 -37.27 13.80
CA SER A 184 -17.51 -37.01 15.20
C SER A 184 -16.21 -37.06 15.99
N TRP A 185 -16.20 -36.41 17.14
CA TRP A 185 -15.00 -36.32 17.95
C TRP A 185 -15.34 -36.46 19.43
N LYS A 186 -14.32 -36.75 20.22
CA LYS A 186 -14.46 -36.74 21.67
C LYS A 186 -14.63 -35.31 22.17
N PRO A 187 -15.17 -35.14 23.37
CA PRO A 187 -15.26 -33.78 23.94
C PRO A 187 -13.91 -33.09 24.04
N GLU A 188 -12.85 -33.85 24.31
CA GLU A 188 -11.51 -33.27 24.27
C GLU A 188 -11.15 -32.81 22.87
N GLY A 189 -11.50 -33.61 21.86
CA GLY A 189 -11.30 -33.22 20.48
C GLY A 189 -9.96 -33.60 19.90
N GLY A 190 -9.96 -34.04 18.64
CA GLY A 190 -8.73 -34.41 17.96
C GLY A 190 -8.83 -35.66 17.13
N ALA A 191 -9.70 -36.59 17.54
CA ALA A 191 -9.83 -37.87 16.85
C ALA A 191 -11.16 -37.93 16.11
N PRO A 192 -11.17 -37.77 14.79
CA PRO A 192 -12.43 -37.89 14.05
C PRO A 192 -12.95 -39.32 14.03
N VAL A 193 -14.28 -39.44 13.96
CA VAL A 193 -14.96 -40.72 13.80
C VAL A 193 -15.64 -40.68 12.44
N ILE A 194 -15.22 -41.57 11.54
CA ILE A 194 -15.65 -41.53 10.14
C ILE A 194 -16.96 -42.27 9.95
N GLU A 195 -17.62 -42.61 11.05
CA GLU A 195 -18.92 -43.28 11.01
C GLU A 195 -19.86 -42.60 10.02
N ASP A 196 -20.54 -43.42 9.22
CA ASP A 196 -21.42 -42.88 8.17
C ASP A 196 -22.59 -42.12 8.79
N ILE A 197 -23.21 -41.25 7.98
CA ILE A 197 -24.31 -40.43 8.48
C ILE A 197 -25.52 -41.32 8.75
N PRO A 198 -26.41 -40.94 9.67
CA PRO A 198 -27.68 -41.68 9.81
C PRO A 198 -28.61 -41.39 8.65
N ALA A 199 -29.65 -42.21 8.54
CA ALA A 199 -30.65 -42.00 7.49
C ALA A 199 -31.48 -40.75 7.71
N GLU A 200 -31.38 -40.14 8.90
CA GLU A 200 -32.14 -38.93 9.19
C GLU A 200 -31.77 -37.78 8.26
N GLU A 201 -30.47 -37.61 8.00
CA GLU A 201 -29.98 -36.55 7.14
C GLU A 201 -29.69 -37.06 5.73
N MET A 202 -30.14 -38.28 5.40
CA MET A 202 -29.88 -38.86 4.09
C MET A 202 -30.44 -37.98 2.97
N ASP A 203 -31.66 -37.47 3.15
CA ASP A 203 -32.31 -36.70 2.10
C ASP A 203 -31.55 -35.42 1.79
N LYS A 204 -31.26 -34.62 2.83
CA LYS A 204 -30.55 -33.37 2.60
C LYS A 204 -29.12 -33.63 2.12
N ALA A 205 -28.50 -34.70 2.60
CA ALA A 205 -27.17 -35.05 2.12
C ALA A 205 -27.18 -35.32 0.63
N MET A 206 -28.13 -36.15 0.17
CA MET A 206 -28.24 -36.41 -1.27
C MET A 206 -28.56 -35.15 -2.05
N GLU A 207 -29.46 -34.30 -1.52
CA GLU A 207 -29.83 -33.08 -2.23
C GLU A 207 -28.62 -32.18 -2.44
N MET A 208 -27.89 -31.89 -1.36
CA MET A 208 -26.78 -30.95 -1.50
C MET A 208 -25.59 -31.60 -2.20
N HIS A 209 -25.47 -32.93 -2.12
CA HIS A 209 -24.45 -33.62 -2.90
C HIS A 209 -24.73 -33.50 -4.39
N LYS A 210 -25.99 -33.70 -4.79
CA LYS A 210 -26.35 -33.52 -6.18
C LYS A 210 -26.13 -32.08 -6.63
N ALA A 211 -26.50 -31.12 -5.79
CA ALA A 211 -26.25 -29.72 -6.13
C ALA A 211 -24.76 -29.45 -6.31
N LEU A 212 -23.93 -29.98 -5.40
CA LEU A 212 -22.50 -29.74 -5.47
C LEU A 212 -21.88 -30.37 -6.71
N VAL A 213 -22.28 -31.62 -7.03
CA VAL A 213 -21.70 -32.28 -8.19
C VAL A 213 -22.17 -31.60 -9.48
N GLU A 214 -23.42 -31.12 -9.50
CA GLU A 214 -23.89 -30.38 -10.67
C GLU A 214 -23.11 -29.07 -10.83
N ALA A 215 -22.85 -28.37 -9.72
CA ALA A 215 -22.06 -27.15 -9.80
C ALA A 215 -20.64 -27.43 -10.27
N ALA A 216 -20.03 -28.51 -9.77
CA ALA A 216 -18.70 -28.88 -10.20
C ALA A 216 -18.67 -29.23 -11.69
N ALA A 217 -19.69 -29.94 -12.16
CA ALA A 217 -19.78 -30.25 -13.58
C ALA A 217 -19.93 -28.98 -14.40
N GLU A 218 -20.71 -28.03 -13.93
CA GLU A 218 -20.86 -26.76 -14.63
C GLU A 218 -19.55 -25.97 -14.63
N ASN A 219 -18.73 -26.14 -13.59
CA ASN A 219 -17.43 -25.49 -13.57
C ASN A 219 -16.54 -25.99 -14.71
N ASP A 220 -16.54 -27.31 -14.94
CA ASP A 220 -15.76 -27.88 -16.03
C ASP A 220 -16.39 -29.21 -16.41
N GLU A 221 -16.75 -29.36 -17.68
CA GLU A 221 -17.35 -30.59 -18.19
C GLU A 221 -16.22 -31.54 -18.59
N GLY A 222 -16.03 -32.59 -17.80
CA GLY A 222 -14.97 -33.55 -18.03
C GLY A 222 -15.21 -34.57 -19.12
N LEU A 223 -16.39 -34.55 -19.74
CA LEU A 223 -16.77 -35.44 -20.84
C LEU A 223 -16.80 -36.91 -20.45
N MET A 224 -16.68 -37.22 -19.17
CA MET A 224 -16.77 -38.61 -18.73
C MET A 224 -18.23 -39.08 -18.85
N GLU A 225 -18.40 -40.38 -19.09
CA GLU A 225 -19.64 -40.89 -19.64
C GLU A 225 -20.84 -40.59 -18.74
N LYS A 226 -20.69 -40.74 -17.44
CA LYS A 226 -21.78 -40.46 -16.51
C LYS A 226 -21.63 -39.13 -15.79
N PHE A 227 -20.55 -38.40 -16.06
CA PHE A 227 -20.13 -37.25 -15.26
C PHE A 227 -21.27 -36.30 -14.93
N PHE A 228 -21.89 -35.71 -15.95
CA PHE A 228 -23.02 -34.82 -15.74
C PHE A 228 -24.36 -35.49 -16.03
N GLU A 229 -24.36 -36.70 -16.59
CA GLU A 229 -25.61 -37.36 -16.93
C GLU A 229 -26.18 -38.14 -15.75
N GLN A 230 -25.40 -39.11 -15.24
CA GLN A 230 -25.89 -39.99 -14.19
C GLN A 230 -25.48 -39.51 -12.79
N ASP A 231 -24.18 -39.43 -12.54
CA ASP A 231 -23.68 -39.00 -11.23
C ASP A 231 -22.21 -38.59 -11.40
N SER A 232 -21.64 -38.11 -10.31
CA SER A 232 -20.25 -37.66 -10.30
C SER A 232 -19.30 -38.84 -10.31
N LEU A 233 -18.02 -38.55 -10.58
CA LEU A 233 -16.97 -39.57 -10.56
C LEU A 233 -16.50 -39.73 -9.11
N THR A 234 -17.41 -40.27 -8.29
CA THR A 234 -17.20 -40.47 -6.86
C THR A 234 -16.65 -39.21 -6.21
N GLU A 235 -15.35 -39.24 -5.87
CA GLU A 235 -14.69 -38.07 -5.31
C GLU A 235 -13.30 -37.82 -5.87
N ASP A 236 -12.68 -38.78 -6.56
CA ASP A 236 -11.29 -38.64 -6.96
C ASP A 236 -11.11 -37.47 -7.92
N GLU A 237 -11.90 -37.41 -8.98
CA GLU A 237 -11.83 -36.32 -9.93
C GLU A 237 -12.66 -35.11 -9.50
N MET A 238 -13.47 -35.25 -8.45
CA MET A 238 -14.19 -34.11 -7.91
C MET A 238 -13.22 -33.06 -7.39
N ARG A 239 -12.11 -33.50 -6.80
CA ARG A 239 -11.09 -32.56 -6.36
C ARG A 239 -10.51 -31.78 -7.55
N GLU A 240 -10.22 -32.47 -8.66
CA GLU A 240 -9.71 -31.79 -9.83
C GLU A 240 -10.73 -30.81 -10.39
N GLY A 241 -12.00 -31.20 -10.43
CA GLY A 241 -13.03 -30.30 -10.90
C GLY A 241 -13.17 -29.07 -10.03
N ILE A 242 -13.09 -29.26 -8.70
CA ILE A 242 -13.15 -28.12 -7.78
C ILE A 242 -11.96 -27.20 -8.00
N ARG A 243 -10.77 -27.77 -8.17
CA ARG A 243 -9.59 -26.95 -8.41
C ARG A 243 -9.73 -26.16 -9.71
N LYS A 244 -10.23 -26.80 -10.76
CA LYS A 244 -10.41 -26.10 -12.04
C LYS A 244 -11.45 -24.99 -11.92
N GLY A 245 -12.52 -25.24 -11.17
CA GLY A 245 -13.49 -24.18 -10.92
C GLY A 245 -12.88 -23.02 -10.14
N LEU A 246 -12.01 -23.34 -9.18
CA LEU A 246 -11.31 -22.30 -8.43
C LEU A 246 -10.32 -21.54 -9.29
N ILE A 247 -9.83 -22.14 -10.36
CA ILE A 247 -8.88 -21.43 -11.24
C ILE A 247 -9.53 -20.18 -11.82
N ALA A 248 -10.77 -20.31 -12.29
CA ALA A 248 -11.52 -19.19 -12.85
C ALA A 248 -12.44 -18.54 -11.84
N ARG A 249 -12.31 -18.88 -10.55
CA ARG A 249 -13.17 -18.35 -9.48
C ARG A 249 -14.63 -18.68 -9.73
N GLY A 250 -14.90 -19.78 -10.43
CA GLY A 250 -16.25 -20.19 -10.73
C GLY A 250 -17.01 -20.82 -9.60
N MET A 251 -16.34 -21.11 -8.48
CA MET A 251 -16.99 -21.71 -7.33
C MET A 251 -16.13 -21.48 -6.10
N PHE A 252 -16.77 -21.10 -5.00
CA PHE A 252 -16.07 -20.89 -3.72
C PHE A 252 -16.62 -21.86 -2.68
N PRO A 253 -15.83 -22.81 -2.21
CA PRO A 253 -16.33 -23.77 -1.23
C PRO A 253 -16.50 -23.12 0.15
N VAL A 254 -17.25 -23.81 1.01
CA VAL A 254 -17.52 -23.36 2.36
C VAL A 254 -17.24 -24.50 3.33
N PHE A 255 -16.52 -24.20 4.42
CA PHE A 255 -16.17 -25.19 5.44
C PHE A 255 -16.47 -24.62 6.82
N CYS A 256 -16.40 -25.50 7.81
CA CYS A 256 -16.59 -25.12 9.21
C CYS A 256 -15.55 -25.84 10.06
N VAL A 257 -15.16 -25.19 11.16
CA VAL A 257 -14.17 -25.76 12.07
C VAL A 257 -14.33 -25.08 13.42
N CYS A 258 -13.94 -25.78 14.48
CA CYS A 258 -13.92 -25.23 15.83
C CYS A 258 -12.46 -25.18 16.28
N GLY A 259 -11.91 -23.97 16.41
CA GLY A 259 -10.51 -23.82 16.77
C GLY A 259 -10.23 -24.33 18.18
N GLY A 260 -11.10 -24.01 19.13
CA GLY A 260 -10.86 -24.43 20.50
C GLY A 260 -10.94 -25.94 20.69
N LYS A 261 -11.92 -26.58 20.06
CA LYS A 261 -12.10 -28.01 20.19
C LYS A 261 -11.33 -28.82 19.16
N ASP A 262 -10.74 -28.17 18.16
CA ASP A 262 -10.00 -28.85 17.09
C ASP A 262 -10.89 -29.82 16.33
N MET A 263 -12.12 -29.42 16.08
CA MET A 263 -13.07 -30.25 15.33
C MET A 263 -12.65 -30.32 13.87
N GLY A 264 -12.15 -31.48 13.45
CA GLY A 264 -11.94 -31.76 12.04
C GLY A 264 -10.86 -30.95 11.36
N VAL A 265 -9.86 -30.47 12.10
CA VAL A 265 -8.73 -29.80 11.46
C VAL A 265 -7.99 -30.77 10.55
N ARG A 266 -7.99 -32.06 10.88
CA ARG A 266 -7.41 -33.07 10.00
C ARG A 266 -8.15 -33.12 8.67
N ARG A 267 -9.48 -32.98 8.71
CA ARG A 267 -10.25 -32.91 7.47
C ARG A 267 -9.82 -31.72 6.64
N LEU A 268 -9.59 -30.57 7.28
CA LEU A 268 -9.12 -29.39 6.56
C LEU A 268 -7.75 -29.66 5.93
N MET A 269 -6.86 -30.31 6.68
CA MET A 269 -5.53 -30.62 6.14
C MET A 269 -5.65 -31.50 4.90
N GLU A 270 -6.46 -32.56 5.00
CA GLU A 270 -6.62 -33.47 3.86
C GLU A 270 -7.20 -32.73 2.66
N PHE A 271 -8.23 -31.92 2.89
CA PHE A 271 -8.87 -31.21 1.79
C PHE A 271 -7.90 -30.23 1.13
N LEU A 272 -7.21 -29.43 1.93
CA LEU A 272 -6.30 -28.43 1.38
C LEU A 272 -5.15 -29.09 0.63
N GLY A 273 -4.58 -30.16 1.18
CA GLY A 273 -3.51 -30.86 0.49
C GLY A 273 -3.99 -31.50 -0.80
N ASN A 274 -5.21 -32.02 -0.80
CA ASN A 274 -5.76 -32.68 -1.99
C ASN A 274 -6.05 -31.66 -3.09
N VAL A 275 -6.97 -30.74 -2.82
CA VAL A 275 -7.45 -29.80 -3.82
C VAL A 275 -6.94 -28.40 -3.49
N VAL A 276 -6.12 -27.86 -4.39
CA VAL A 276 -5.62 -26.50 -4.36
C VAL A 276 -4.86 -26.30 -5.68
N PRO A 277 -4.91 -25.12 -6.30
CA PRO A 277 -4.14 -24.92 -7.53
C PRO A 277 -2.65 -25.14 -7.29
N PHE A 278 -2.00 -25.77 -8.27
CA PHE A 278 -0.58 -26.07 -8.17
C PHE A 278 0.24 -24.81 -8.42
N VAL A 279 1.50 -24.85 -7.95
CA VAL A 279 2.38 -23.69 -8.08
C VAL A 279 2.60 -23.34 -9.55
N SER A 280 2.85 -24.34 -10.39
CA SER A 280 2.97 -24.10 -11.81
C SER A 280 1.61 -23.90 -12.47
N GLU A 281 0.56 -24.55 -11.95
CA GLU A 281 -0.77 -24.50 -12.56
C GLU A 281 -1.50 -23.25 -12.04
N MET A 282 -1.06 -22.10 -12.55
CA MET A 282 -1.62 -20.81 -12.16
C MET A 282 -1.02 -19.75 -13.10
N PRO A 283 -1.69 -18.59 -13.24
CA PRO A 283 -1.20 -17.58 -14.20
C PRO A 283 0.18 -17.06 -13.83
N LYS A 284 1.17 -17.43 -14.63
CA LYS A 284 2.57 -17.21 -14.28
C LYS A 284 2.90 -15.72 -14.27
N VAL A 285 3.86 -15.37 -13.42
CA VAL A 285 4.22 -13.98 -13.17
C VAL A 285 5.21 -13.52 -14.23
N GLU A 286 5.08 -12.26 -14.64
CA GLU A 286 6.00 -11.64 -15.58
C GLU A 286 7.12 -10.92 -14.82
N ASN A 287 8.09 -10.41 -15.57
CA ASN A 287 9.18 -9.61 -15.01
C ASN A 287 9.00 -8.16 -15.42
N THR A 288 9.96 -7.32 -15.02
CA THR A 288 9.93 -5.91 -15.41
C THR A 288 10.05 -5.76 -16.92
N ASP A 289 10.91 -6.56 -17.55
CA ASP A 289 11.10 -6.49 -19.00
C ASP A 289 9.92 -7.06 -19.78
N GLY A 290 8.96 -7.69 -19.10
CA GLY A 290 7.82 -8.27 -19.76
C GLY A 290 8.02 -9.67 -20.30
N LYS A 291 9.16 -10.28 -20.02
CA LYS A 291 9.43 -11.64 -20.47
C LYS A 291 8.88 -12.64 -19.46
N GLU A 292 8.25 -13.69 -19.97
CA GLU A 292 7.57 -14.65 -19.11
C GLU A 292 8.56 -15.38 -18.22
N VAL A 293 8.20 -15.53 -16.95
CA VAL A 293 9.04 -16.17 -15.94
C VAL A 293 8.24 -17.36 -15.41
N ALA A 294 8.47 -18.54 -15.98
CA ALA A 294 7.78 -19.75 -15.55
C ALA A 294 8.60 -20.43 -14.47
N PRO A 295 8.07 -20.61 -13.26
CA PRO A 295 8.82 -21.31 -12.21
C PRO A 295 9.07 -22.77 -12.60
N ASP A 296 10.33 -23.19 -12.50
CA ASP A 296 10.69 -24.56 -12.83
C ASP A 296 12.00 -24.90 -12.14
N VAL A 297 12.17 -26.19 -11.85
CA VAL A 297 13.41 -26.66 -11.23
C VAL A 297 14.57 -26.53 -12.20
N ASN A 298 14.33 -26.79 -13.49
CA ASN A 298 15.37 -26.74 -14.50
C ASN A 298 15.76 -25.32 -14.90
N GLY A 299 15.01 -24.31 -14.44
CA GLY A 299 15.31 -22.96 -14.77
C GLY A 299 16.53 -22.45 -14.02
N PRO A 300 16.93 -21.20 -14.30
CA PRO A 300 18.08 -20.62 -13.62
C PRO A 300 17.79 -20.30 -12.16
N GLU A 301 18.80 -19.80 -11.44
CA GLU A 301 18.71 -19.61 -10.00
C GLU A 301 18.46 -18.13 -9.72
N SER A 302 17.22 -17.79 -9.40
CA SER A 302 16.84 -16.43 -9.05
C SER A 302 15.93 -16.46 -7.84
N LEU A 303 16.16 -15.52 -6.91
CA LEU A 303 15.39 -15.42 -5.69
C LEU A 303 14.82 -14.02 -5.54
N TYR A 304 13.64 -13.94 -4.95
CA TYR A 304 12.99 -12.68 -4.64
C TYR A 304 12.73 -12.60 -3.13
N PHE A 305 13.05 -11.47 -2.54
CA PHE A 305 12.92 -11.27 -1.10
C PHE A 305 11.89 -10.20 -0.83
N PHE A 306 10.89 -10.53 -0.01
CA PHE A 306 9.81 -9.61 0.31
C PHE A 306 9.73 -9.30 1.80
N LYS A 307 9.77 -10.32 2.66
CA LYS A 307 9.61 -10.14 4.09
C LYS A 307 10.98 -10.08 4.77
N THR A 308 11.12 -9.16 5.70
CA THR A 308 12.40 -8.91 6.37
C THR A 308 12.16 -8.76 7.87
N SER A 309 11.49 -9.74 8.47
CA SER A 309 11.18 -9.71 9.89
C SER A 309 12.46 -9.55 10.72
N VAL A 310 12.45 -8.58 11.63
CA VAL A 310 13.64 -8.21 12.38
C VAL A 310 13.37 -8.38 13.88
N GLU A 311 12.55 -9.36 14.21
CA GLU A 311 12.19 -9.60 15.61
C GLU A 311 13.45 -9.80 16.46
N PRO A 312 13.54 -9.17 17.62
CA PRO A 312 14.76 -9.29 18.42
C PRO A 312 14.95 -10.70 18.98
N HIS A 313 16.23 -11.02 19.26
CA HIS A 313 16.67 -12.28 19.83
C HIS A 313 16.47 -13.46 18.91
N ILE A 314 16.04 -13.24 17.66
CA ILE A 314 15.88 -14.32 16.70
C ILE A 314 16.69 -13.96 15.45
N GLY A 315 17.19 -12.72 15.40
CA GLY A 315 18.01 -12.27 14.29
C GLY A 315 17.20 -11.60 13.20
N GLU A 316 17.92 -11.00 12.27
CA GLU A 316 17.32 -10.31 11.12
C GLU A 316 16.95 -11.31 10.02
N VAL A 317 16.00 -12.17 10.35
CA VAL A 317 15.58 -13.22 9.43
C VAL A 317 14.94 -12.60 8.19
N SER A 318 15.31 -13.12 7.03
CA SER A 318 14.78 -12.62 5.76
C SER A 318 14.24 -13.78 4.96
N TYR A 319 12.93 -13.80 4.76
CA TYR A 319 12.29 -14.84 3.97
C TYR A 319 12.43 -14.53 2.48
N PHE A 320 12.07 -15.50 1.65
CA PHE A 320 12.16 -15.35 0.21
C PHE A 320 11.41 -16.51 -0.44
N LYS A 321 10.96 -16.28 -1.67
CA LYS A 321 10.32 -17.30 -2.48
C LYS A 321 11.18 -17.60 -3.69
N VAL A 322 11.37 -18.90 -3.96
CA VAL A 322 12.23 -19.34 -5.06
C VAL A 322 11.48 -19.13 -6.37
N MET A 323 11.87 -18.09 -7.11
CA MET A 323 11.22 -17.80 -8.38
C MET A 323 11.43 -18.94 -9.39
N SER A 324 12.68 -19.39 -9.54
CA SER A 324 12.98 -20.42 -10.52
C SER A 324 14.21 -21.19 -10.07
N GLY A 325 14.38 -22.38 -10.64
CA GLY A 325 15.55 -23.18 -10.34
C GLY A 325 15.55 -23.66 -8.90
N LYS A 326 16.74 -23.70 -8.30
CA LYS A 326 16.91 -24.16 -6.93
C LYS A 326 17.90 -23.24 -6.24
N VAL A 327 18.35 -23.64 -5.05
CA VAL A 327 19.35 -22.89 -4.31
C VAL A 327 20.05 -23.84 -3.35
N ARG A 328 21.38 -23.72 -3.29
CA ARG A 328 22.22 -24.59 -2.46
C ARG A 328 23.10 -23.71 -1.59
N GLU A 329 23.46 -24.23 -0.42
CA GLU A 329 24.37 -23.50 0.45
C GLU A 329 25.73 -23.34 -0.22
N GLY A 330 26.36 -22.20 0.03
CA GLY A 330 27.65 -21.90 -0.55
C GLY A 330 27.61 -21.29 -1.94
N ASP A 331 26.43 -21.19 -2.56
CA ASP A 331 26.33 -20.61 -3.88
C ASP A 331 26.53 -19.10 -3.81
N ASP A 332 27.02 -18.53 -4.91
CA ASP A 332 27.23 -17.10 -5.03
C ASP A 332 26.16 -16.54 -5.96
N LEU A 333 25.34 -15.63 -5.45
CA LEU A 333 24.19 -15.10 -6.17
C LEU A 333 24.38 -13.61 -6.43
N LEU A 334 24.17 -13.21 -7.67
CA LEU A 334 24.26 -11.80 -8.04
C LEU A 334 23.03 -11.04 -7.52
N ASN A 335 23.27 -9.80 -7.12
CA ASN A 335 22.21 -8.90 -6.67
C ASN A 335 21.78 -8.01 -7.84
N ALA A 336 20.48 -7.99 -8.11
CA ALA A 336 19.96 -7.22 -9.24
C ALA A 336 20.20 -5.73 -9.04
N ASP A 337 19.86 -5.21 -7.87
CA ASP A 337 20.02 -3.80 -7.54
C ASP A 337 21.12 -3.66 -6.49
N ARG A 338 21.86 -2.56 -6.59
CA ARG A 338 23.10 -2.33 -5.83
C ARG A 338 23.90 -3.63 -5.72
N GLY A 339 24.19 -4.19 -6.89
CA GLY A 339 24.77 -5.52 -7.01
C GLY A 339 26.05 -5.72 -6.23
N SER A 340 26.10 -6.83 -5.48
CA SER A 340 27.27 -7.13 -4.67
C SER A 340 27.71 -8.59 -4.76
N LYS A 341 27.00 -9.43 -5.52
CA LYS A 341 27.32 -10.85 -5.67
C LYS A 341 27.41 -11.53 -4.30
N GLU A 342 26.25 -11.57 -3.64
CA GLU A 342 26.18 -12.13 -2.30
C GLU A 342 26.45 -13.63 -2.30
N ARG A 343 27.27 -14.07 -1.35
CA ARG A 343 27.63 -15.47 -1.20
C ARG A 343 26.79 -16.06 -0.07
N ILE A 344 25.95 -17.05 -0.41
CA ILE A 344 24.92 -17.55 0.50
C ILE A 344 25.54 -18.53 1.49
N ALA A 345 24.78 -18.87 2.52
CA ALA A 345 25.25 -19.76 3.58
C ALA A 345 24.10 -20.70 3.92
N GLN A 346 24.19 -21.37 5.08
CA GLN A 346 23.17 -22.32 5.51
C GLN A 346 21.79 -21.69 5.49
N ILE A 347 20.89 -22.27 4.71
CA ILE A 347 19.52 -21.79 4.60
C ILE A 347 18.63 -22.55 5.58
N TYR A 348 17.49 -21.95 5.91
CA TYR A 348 16.58 -22.50 6.89
C TYR A 348 15.14 -22.44 6.38
N VAL A 349 14.39 -23.50 6.63
CA VAL A 349 12.94 -23.52 6.42
C VAL A 349 12.29 -23.29 7.77
N VAL A 350 11.52 -22.21 7.89
CA VAL A 350 11.00 -21.74 9.16
C VAL A 350 9.50 -22.00 9.21
N ALA A 351 9.02 -22.51 10.35
CA ALA A 351 7.60 -22.63 10.63
C ALA A 351 7.10 -21.49 11.52
N GLY A 352 7.70 -20.32 11.38
CA GLY A 352 7.40 -19.20 12.26
C GLY A 352 8.18 -19.34 13.55
N GLY A 353 8.87 -18.28 13.97
CA GLY A 353 9.71 -18.40 15.14
C GLY A 353 10.82 -19.40 14.93
N ASN A 354 10.69 -20.58 15.55
CA ASN A 354 11.67 -21.64 15.38
C ASN A 354 11.82 -22.01 13.91
N ARG A 355 13.07 -22.17 13.48
CA ARG A 355 13.39 -22.49 12.10
C ARG A 355 14.23 -23.76 12.04
N VAL A 356 14.06 -24.51 10.95
CA VAL A 356 14.77 -25.75 10.71
C VAL A 356 15.64 -25.59 9.47
N LYS A 357 16.92 -25.92 9.59
CA LYS A 357 17.81 -25.84 8.44
C LYS A 357 17.45 -26.87 7.39
N VAL A 358 17.68 -26.52 6.13
CA VAL A 358 17.36 -27.38 4.99
C VAL A 358 18.54 -27.36 4.04
N GLU A 359 18.65 -28.41 3.23
CA GLU A 359 19.76 -28.55 2.30
C GLU A 359 19.50 -27.89 0.96
N GLU A 360 18.39 -28.25 0.31
CA GLU A 360 18.07 -27.74 -1.02
C GLU A 360 16.62 -27.28 -1.05
N LEU A 361 16.38 -26.17 -1.75
CA LEU A 361 15.04 -25.61 -1.91
C LEU A 361 14.70 -25.57 -3.39
N GLN A 362 13.49 -26.05 -3.72
CA GLN A 362 13.04 -26.08 -5.10
C GLN A 362 12.27 -24.81 -5.44
N ALA A 363 12.01 -24.63 -6.73
CA ALA A 363 11.33 -23.43 -7.22
C ALA A 363 9.90 -23.37 -6.69
N GLY A 364 9.42 -22.14 -6.53
CA GLY A 364 8.07 -21.93 -6.02
C GLY A 364 7.87 -22.35 -4.58
N ASP A 365 8.84 -22.07 -3.72
CA ASP A 365 8.72 -22.36 -2.29
C ASP A 365 9.33 -21.23 -1.50
N ILE A 366 8.92 -21.12 -0.24
CA ILE A 366 9.35 -20.05 0.64
C ILE A 366 10.46 -20.56 1.54
N GLY A 367 11.60 -19.86 1.53
CA GLY A 367 12.70 -20.20 2.42
C GLY A 367 13.06 -19.04 3.31
N ALA A 368 14.20 -19.13 4.01
CA ALA A 368 14.63 -18.06 4.89
C ALA A 368 16.13 -18.15 5.10
N ALA A 369 16.81 -17.02 5.02
CA ALA A 369 18.24 -16.92 5.25
C ALA A 369 18.52 -15.88 6.32
N VAL A 370 19.73 -15.93 6.89
CA VAL A 370 20.11 -15.06 7.98
C VAL A 370 21.48 -14.46 7.69
N LYS A 371 21.82 -13.42 8.46
CA LYS A 371 23.12 -12.75 8.39
C LYS A 371 23.42 -12.24 6.98
N LEU A 372 22.41 -11.68 6.32
CA LEU A 372 22.60 -11.08 5.01
C LEU A 372 23.18 -9.67 5.17
N LYS A 373 23.78 -9.18 4.08
CA LYS A 373 24.44 -7.89 4.08
C LYS A 373 23.77 -6.88 3.16
N ASP A 374 23.60 -7.21 1.88
CA ASP A 374 23.10 -6.28 0.89
C ASP A 374 21.77 -6.76 0.30
N VAL A 375 20.89 -7.27 1.15
CA VAL A 375 19.56 -7.70 0.74
C VAL A 375 18.53 -6.92 1.54
N LYS A 376 17.66 -6.21 0.83
CA LYS A 376 16.61 -5.41 1.44
C LYS A 376 15.26 -5.87 0.91
N THR A 377 14.20 -5.29 1.48
CA THR A 377 12.85 -5.59 1.02
C THR A 377 12.67 -5.16 -0.42
N GLY A 378 12.14 -6.06 -1.24
CA GLY A 378 11.96 -5.82 -2.65
C GLY A 378 13.18 -6.13 -3.50
N ASN A 379 14.35 -6.24 -2.89
CA ASN A 379 15.53 -6.68 -3.63
C ASN A 379 15.40 -8.13 -4.04
N THR A 380 15.89 -8.44 -5.23
CA THR A 380 15.90 -9.81 -5.74
C THR A 380 17.32 -10.23 -6.05
N LEU A 381 17.66 -11.47 -5.71
CA LEU A 381 18.99 -12.02 -5.94
C LEU A 381 18.90 -13.12 -6.98
N ASN A 382 19.84 -13.12 -7.92
CA ASN A 382 19.80 -14.03 -9.05
C ASN A 382 21.21 -14.53 -9.36
N GLY A 383 21.29 -15.43 -10.34
CA GLY A 383 22.56 -15.97 -10.77
C GLY A 383 23.30 -15.07 -11.73
N LYS A 384 24.20 -15.66 -12.51
CA LYS A 384 24.99 -14.91 -13.47
C LYS A 384 24.28 -14.79 -14.83
N ASP A 385 23.53 -15.81 -15.24
CA ASP A 385 22.87 -15.81 -16.53
C ASP A 385 21.46 -15.23 -16.49
N CYS A 386 20.81 -15.23 -15.33
CA CYS A 386 19.41 -14.83 -15.21
C CYS A 386 19.32 -13.42 -14.65
N ASP A 387 19.34 -12.44 -15.54
CA ASP A 387 19.21 -11.04 -15.15
C ASP A 387 17.73 -10.71 -14.94
N TYR A 388 17.29 -10.71 -13.68
CA TYR A 388 15.93 -10.36 -13.32
C TYR A 388 15.95 -9.30 -12.22
N LYS A 389 15.02 -8.36 -12.30
CA LYS A 389 14.89 -7.28 -11.33
C LYS A 389 13.42 -7.13 -10.91
N PHE A 390 12.81 -8.25 -10.53
CA PHE A 390 11.39 -8.35 -10.22
C PHE A 390 10.88 -7.18 -9.40
N ASN A 391 9.87 -6.48 -9.93
CA ASN A 391 9.15 -5.44 -9.21
C ASN A 391 7.66 -5.56 -9.49
N PHE A 392 7.15 -6.77 -9.45
CA PHE A 392 5.77 -7.05 -9.84
C PHE A 392 4.76 -6.80 -8.73
N ILE A 393 5.20 -6.39 -7.55
CA ILE A 393 4.32 -6.19 -6.41
C ILE A 393 4.04 -4.70 -6.26
N LYS A 394 2.77 -4.36 -6.05
CA LYS A 394 2.35 -2.97 -5.91
C LYS A 394 1.54 -2.83 -4.63
N TYR A 395 1.77 -1.75 -3.90
CA TYR A 395 1.11 -1.52 -2.63
C TYR A 395 0.10 -0.38 -2.75
N PRO A 396 -0.97 -0.43 -1.97
CA PRO A 396 -1.97 0.65 -2.04
C PRO A 396 -1.38 1.98 -1.62
N ASN A 397 -1.91 3.04 -2.23
CA ASN A 397 -1.42 4.39 -1.95
C ASN A 397 -1.59 4.72 -0.47
N SER A 398 -0.58 5.41 0.08
CA SER A 398 -0.62 5.77 1.50
C SER A 398 -1.79 6.70 1.77
N LYS A 399 -2.78 6.19 2.51
CA LYS A 399 -4.00 6.92 2.80
C LYS A 399 -3.85 7.85 4.00
N TYR A 400 -2.69 7.88 4.64
CA TYR A 400 -2.51 8.68 5.83
C TYR A 400 -1.04 9.07 5.93
N SER A 401 -0.77 10.15 6.66
CA SER A 401 0.59 10.63 6.79
C SER A 401 0.72 11.47 8.05
N ARG A 402 1.95 11.53 8.56
CA ARG A 402 2.25 12.35 9.74
C ARG A 402 3.75 12.57 9.79
N ALA A 403 4.16 13.65 10.43
CA ALA A 403 5.57 14.02 10.54
C ALA A 403 6.11 13.52 11.88
N ILE A 404 7.28 12.88 11.84
CA ILE A 404 7.88 12.27 13.01
C ILE A 404 9.05 13.13 13.46
N LYS A 405 9.33 13.10 14.77
CA LYS A 405 10.46 13.80 15.38
C LYS A 405 10.69 13.27 16.78
N PRO A 406 11.95 12.99 17.16
CA PRO A 406 12.22 12.53 18.52
C PRO A 406 11.99 13.64 19.54
N VAL A 407 11.82 13.24 20.79
CA VAL A 407 11.60 14.21 21.86
C VAL A 407 12.80 15.13 22.04
N ASN A 408 13.99 14.69 21.66
CA ASN A 408 15.19 15.50 21.70
C ASN A 408 15.84 15.51 20.32
N GLU A 409 16.19 16.71 19.84
CA GLU A 409 16.80 16.86 18.53
C GLU A 409 18.29 16.53 18.57
N ALA A 410 18.57 15.30 19.03
CA ALA A 410 19.93 14.81 19.12
C ALA A 410 20.10 13.39 18.61
N ASP A 411 19.03 12.71 18.22
CA ASP A 411 19.09 11.32 17.76
C ASP A 411 18.58 11.19 16.34
N VAL A 412 18.78 12.21 15.51
CA VAL A 412 18.26 12.20 14.15
C VAL A 412 18.80 11.00 13.37
N GLU A 413 20.09 10.68 13.58
CA GLU A 413 20.67 9.52 12.93
C GLU A 413 19.98 8.23 13.37
N LYS A 414 19.60 8.15 14.65
CA LYS A 414 18.83 7.01 15.13
C LYS A 414 17.48 6.95 14.44
N MET A 415 16.83 8.10 14.26
CA MET A 415 15.59 8.13 13.49
C MET A 415 15.82 7.52 12.11
N MET A 416 16.84 8.00 11.38
CA MET A 416 17.09 7.47 10.06
C MET A 416 17.30 5.95 10.10
N THR A 417 18.14 5.48 11.02
CA THR A 417 18.49 4.06 11.05
C THR A 417 17.28 3.19 11.35
N ILE A 418 16.64 3.40 12.49
CA ILE A 418 15.53 2.53 12.88
C ILE A 418 14.33 2.70 11.93
N LEU A 419 14.09 3.93 11.44
CA LEU A 419 13.02 4.11 10.47
C LEU A 419 13.29 3.34 9.19
N ASN A 420 14.54 3.32 8.71
CA ASN A 420 14.86 2.51 7.56
C ASN A 420 14.67 1.03 7.85
N ARG A 421 15.11 0.58 9.02
CA ARG A 421 14.93 -0.82 9.39
C ARG A 421 13.47 -1.21 9.38
N MET A 422 12.61 -0.36 9.94
CA MET A 422 11.17 -0.62 9.89
C MET A 422 10.64 -0.54 8.46
N ARG A 423 11.22 0.33 7.64
CA ARG A 423 10.78 0.41 6.22
C ARG A 423 10.82 -0.99 5.65
N GLU A 424 11.98 -1.65 5.79
CA GLU A 424 12.15 -3.01 5.26
C GLU A 424 11.18 -3.94 5.98
N GLU A 425 10.94 -3.68 7.26
CA GLU A 425 10.04 -4.54 8.05
C GLU A 425 8.70 -4.61 7.32
N ASP A 426 8.25 -3.49 6.78
CA ASP A 426 6.99 -3.46 5.98
C ASP A 426 7.04 -2.24 5.06
N PRO A 427 7.20 -2.43 3.72
CA PRO A 427 7.34 -1.27 2.81
C PRO A 427 6.26 -0.22 2.99
N THR A 428 5.13 -0.54 3.64
CA THR A 428 4.07 0.44 3.82
C THR A 428 4.52 1.64 4.64
N TRP A 429 5.50 1.48 5.52
CA TRP A 429 6.02 2.60 6.31
C TRP A 429 6.87 3.51 5.42
N VAL A 430 6.21 4.16 4.46
CA VAL A 430 6.91 4.99 3.50
C VAL A 430 7.55 6.16 4.24
N ILE A 431 8.88 6.22 4.20
CA ILE A 431 9.64 7.28 4.84
C ILE A 431 10.14 8.24 3.77
N GLU A 432 10.00 9.53 4.03
CA GLU A 432 10.42 10.56 3.08
C GLU A 432 10.97 11.74 3.86
N GLN A 433 11.98 12.39 3.28
CA GLN A 433 12.62 13.57 3.87
C GLN A 433 12.48 14.72 2.87
N SER A 434 11.40 15.48 3.00
CA SER A 434 11.18 16.64 2.14
C SER A 434 12.18 17.73 2.51
N LYS A 435 13.21 17.90 1.66
CA LYS A 435 14.27 18.84 1.98
C LYS A 435 13.75 20.27 2.05
N GLU A 436 12.85 20.63 1.14
CA GLU A 436 12.28 21.97 1.16
C GLU A 436 11.41 22.19 2.39
N LEU A 437 10.77 21.14 2.90
CA LEU A 437 9.92 21.26 4.08
C LEU A 437 10.70 21.11 5.37
N LYS A 438 11.94 20.65 5.32
CA LYS A 438 12.78 20.42 6.50
C LYS A 438 12.13 19.46 7.50
N GLN A 439 11.24 18.58 7.02
CA GLN A 439 10.54 17.64 7.88
C GLN A 439 10.65 16.24 7.33
N THR A 440 10.78 15.27 8.22
CA THR A 440 10.82 13.86 7.85
C THR A 440 9.39 13.34 7.82
N LEU A 441 8.93 12.94 6.64
CA LEU A 441 7.55 12.54 6.43
C LEU A 441 7.40 11.03 6.53
N VAL A 442 6.41 10.58 7.30
CA VAL A 442 6.10 9.17 7.46
C VAL A 442 4.70 8.94 6.92
N HIS A 443 4.58 7.98 6.00
CA HIS A 443 3.31 7.66 5.35
C HIS A 443 2.89 6.26 5.75
N GLY A 444 1.66 6.14 6.24
CA GLY A 444 1.14 4.85 6.67
C GLY A 444 -0.15 4.46 5.99
N GLN A 445 -1.05 3.81 6.73
CA GLN A 445 -2.35 3.40 6.21
C GLN A 445 -3.49 3.81 7.12
N GLY A 446 -3.21 4.51 8.20
CA GLY A 446 -4.25 4.91 9.13
C GLY A 446 -3.67 5.27 10.47
N GLU A 447 -4.56 5.75 11.35
CA GLU A 447 -4.12 6.14 12.69
C GLU A 447 -3.57 4.96 13.46
N PHE A 448 -4.23 3.80 13.38
CA PHE A 448 -3.77 2.63 14.12
C PHE A 448 -2.42 2.15 13.60
N HIS A 449 -2.17 2.29 12.30
CA HIS A 449 -0.89 1.90 11.74
C HIS A 449 0.25 2.71 12.36
N LEU A 450 0.07 4.03 12.40
CA LEU A 450 1.08 4.88 13.02
C LEU A 450 1.18 4.64 14.52
N ARG A 451 0.06 4.30 15.17
CA ARG A 451 0.12 3.93 16.57
C ARG A 451 0.98 2.68 16.77
N THR A 452 0.84 1.70 15.88
CA THR A 452 1.65 0.49 15.94
C THR A 452 3.13 0.83 15.78
N LEU A 453 3.45 1.67 14.80
CA LEU A 453 4.85 2.07 14.64
C LEU A 453 5.36 2.81 15.87
N LYS A 454 4.52 3.68 16.46
CA LYS A 454 4.94 4.40 17.65
C LYS A 454 5.23 3.44 18.80
N TRP A 455 4.37 2.43 18.98
CA TRP A 455 4.62 1.46 20.03
C TRP A 455 5.92 0.69 19.76
N ARG A 456 6.15 0.30 18.50
CA ARG A 456 7.36 -0.44 18.18
C ARG A 456 8.61 0.39 18.43
N LEU A 457 8.52 1.71 18.23
CA LEU A 457 9.64 2.58 18.55
C LEU A 457 9.81 2.74 20.05
N GLU A 458 8.72 2.92 20.79
CA GLU A 458 8.80 3.26 22.20
C GLU A 458 9.17 2.07 23.08
N ASN A 459 8.62 0.89 22.79
CA ASN A 459 8.77 -0.26 23.67
C ASN A 459 9.79 -1.28 23.20
N ASN A 460 9.85 -1.55 21.89
CA ASN A 460 10.77 -2.57 21.40
C ASN A 460 12.22 -2.11 21.49
N GLU A 461 12.46 -0.81 21.36
CA GLU A 461 13.81 -0.27 21.37
C GLU A 461 14.07 0.72 22.51
N LYS A 462 13.03 1.16 23.22
CA LYS A 462 13.15 2.21 24.24
C LYS A 462 13.64 3.51 23.60
N LEU A 463 12.85 3.99 22.65
CA LEU A 463 13.15 5.21 21.92
C LEU A 463 11.96 6.15 21.99
N GLN A 464 12.25 7.44 22.17
CA GLN A 464 11.22 8.45 22.41
C GLN A 464 11.06 9.32 21.16
N VAL A 465 9.83 9.35 20.63
CA VAL A 465 9.49 10.16 19.47
C VAL A 465 8.14 10.81 19.70
N LYS A 466 7.84 11.82 18.87
CA LYS A 466 6.55 12.48 18.89
C LYS A 466 6.04 12.60 17.46
N PHE A 467 4.72 12.69 17.32
CA PHE A 467 4.08 12.90 16.03
C PHE A 467 3.51 14.30 15.96
N GLU A 468 3.86 15.02 14.91
CA GLU A 468 3.37 16.38 14.69
C GLU A 468 2.76 16.49 13.30
N GLU A 469 1.75 17.34 13.19
CA GLU A 469 1.00 17.46 11.94
C GLU A 469 1.93 17.95 10.84
N PRO A 470 1.94 17.32 9.67
CA PRO A 470 2.92 17.66 8.63
C PRO A 470 2.70 19.06 8.05
N LYS A 471 3.80 19.68 7.65
CA LYS A 471 3.73 20.97 7.00
C LYS A 471 3.14 20.83 5.60
N ILE A 472 2.61 21.93 5.09
CA ILE A 472 1.89 21.96 3.81
C ILE A 472 2.74 22.75 2.82
N PRO A 473 2.92 22.24 1.57
CA PRO A 473 3.67 22.96 0.54
C PRO A 473 2.84 24.05 -0.15
N TYR A 474 3.04 25.31 0.25
CA TYR A 474 2.28 26.43 -0.37
C TYR A 474 3.13 27.08 -1.47
N ARG A 475 2.49 27.47 -2.57
CA ARG A 475 3.21 28.15 -3.67
C ARG A 475 2.49 29.47 -3.98
N GLU A 476 3.24 30.59 -4.00
CA GLU A 476 2.64 31.93 -4.25
C GLU A 476 2.58 32.20 -5.75
N THR A 477 2.08 33.38 -6.14
CA THR A 477 1.98 33.75 -7.57
C THR A 477 1.42 35.16 -7.71
N ILE A 478 0.97 35.54 -8.92
CA ILE A 478 0.39 36.85 -9.17
C ILE A 478 -0.77 36.69 -10.14
N THR A 479 -1.66 37.68 -10.14
CA THR A 479 -2.81 37.70 -11.02
C THR A 479 -2.92 38.98 -11.84
N LYS A 480 -2.53 40.12 -11.28
CA LYS A 480 -2.66 41.40 -11.93
C LYS A 480 -1.29 41.94 -12.31
N ALA A 481 -1.13 42.35 -13.56
CA ALA A 481 0.13 42.91 -14.02
C ALA A 481 0.41 44.25 -13.35
N ALA A 482 1.69 44.56 -13.21
CA ALA A 482 2.11 45.82 -12.60
C ALA A 482 3.44 46.24 -13.18
N ARG A 483 3.73 47.53 -13.07
CA ARG A 483 4.98 48.11 -13.56
C ARG A 483 5.97 48.26 -12.41
N ALA A 484 7.19 47.82 -12.63
CA ALA A 484 8.25 47.90 -11.63
C ALA A 484 9.38 48.76 -12.17
N ASP A 485 9.73 49.80 -11.42
CA ASP A 485 10.78 50.74 -11.81
C ASP A 485 11.77 50.89 -10.67
N TYR A 486 13.06 50.90 -11.00
CA TYR A 486 14.09 51.07 -9.99
C TYR A 486 15.35 51.60 -10.64
N ARG A 487 16.13 52.37 -9.86
CA ARG A 487 17.41 52.90 -10.28
C ARG A 487 18.38 52.76 -9.12
N HIS A 488 19.60 52.29 -9.41
CA HIS A 488 20.57 51.95 -8.39
C HIS A 488 21.91 52.62 -8.65
N LYS A 489 22.55 53.07 -7.57
CA LYS A 489 23.90 53.62 -7.64
C LYS A 489 24.47 53.75 -6.23
N LYS A 490 25.61 53.13 -5.97
CA LYS A 490 26.23 53.13 -4.65
C LYS A 490 27.71 53.49 -4.79
N GLN A 491 28.07 54.71 -4.40
CA GLN A 491 29.46 55.12 -4.36
C GLN A 491 30.11 54.92 -3.00
N SER A 492 29.38 54.34 -2.04
CA SER A 492 29.92 54.15 -0.71
C SER A 492 31.01 53.09 -0.67
N GLY A 493 30.94 52.10 -1.56
CA GLY A 493 31.93 51.04 -1.58
C GLY A 493 33.04 51.30 -2.56
N GLY A 494 33.07 50.53 -3.66
CA GLY A 494 34.10 50.70 -4.66
C GLY A 494 33.60 51.48 -5.87
N ALA A 495 33.26 50.77 -6.94
CA ALA A 495 32.73 51.42 -8.13
C ALA A 495 31.38 52.07 -7.83
N GLY A 496 30.93 52.91 -8.77
CA GLY A 496 29.66 53.61 -8.60
C GLY A 496 28.47 52.70 -8.46
N GLN A 497 28.58 51.44 -8.92
CA GLN A 497 27.50 50.46 -8.84
C GLN A 497 26.22 50.99 -9.47
N PHE A 498 26.35 51.63 -10.63
CA PHE A 498 25.21 52.22 -11.31
C PHE A 498 24.25 51.13 -11.78
N GLY A 499 22.96 51.37 -11.59
CA GLY A 499 21.94 50.44 -12.03
C GLY A 499 20.63 51.14 -12.33
N GLU A 500 19.93 50.66 -13.36
CA GLU A 500 18.63 51.24 -13.73
C GLU A 500 17.85 50.15 -14.45
N VAL A 501 16.80 49.65 -13.79
CA VAL A 501 16.01 48.54 -14.31
C VAL A 501 14.55 48.94 -14.28
N HIS A 502 13.87 48.79 -15.42
CA HIS A 502 12.44 49.01 -15.52
C HIS A 502 11.82 47.78 -16.15
N LEU A 503 10.85 47.18 -15.47
CA LEU A 503 10.31 45.90 -15.89
C LEU A 503 8.83 45.80 -15.52
N ILE A 504 8.14 44.88 -16.20
CA ILE A 504 6.71 44.66 -16.02
C ILE A 504 6.52 43.17 -15.73
N VAL A 505 5.74 42.87 -14.70
CA VAL A 505 5.42 41.50 -14.33
C VAL A 505 4.05 41.14 -14.88
N GLU A 506 3.83 39.84 -15.08
CA GLU A 506 2.59 39.35 -15.67
C GLU A 506 2.46 37.85 -15.43
N PRO A 507 1.32 37.38 -14.94
CA PRO A 507 1.12 35.93 -14.83
C PRO A 507 1.23 35.25 -16.18
N TYR A 508 1.85 34.07 -16.18
CA TYR A 508 2.15 33.35 -17.40
C TYR A 508 1.15 32.23 -17.61
N LYS A 509 0.72 32.05 -18.86
CA LYS A 509 -0.13 30.94 -19.26
C LYS A 509 0.52 30.22 -20.44
N GLU A 510 -0.10 29.11 -20.85
CA GLU A 510 0.50 28.24 -21.85
C GLU A 510 0.65 28.94 -23.20
N GLY A 511 -0.35 29.72 -23.61
CA GLY A 511 -0.36 30.26 -24.95
C GLY A 511 -0.74 31.71 -25.08
N MET A 512 -0.39 32.54 -24.10
CA MET A 512 -0.70 33.96 -24.21
C MET A 512 0.10 34.59 -25.34
N PRO A 513 -0.50 35.50 -26.10
CA PRO A 513 0.22 36.11 -27.23
C PRO A 513 1.09 37.27 -26.84
N VAL A 514 1.27 37.47 -25.52
CA VAL A 514 2.08 38.53 -24.92
C VAL A 514 1.85 39.85 -25.66
N PRO A 515 0.70 40.50 -25.46
CA PRO A 515 0.40 41.72 -26.20
C PRO A 515 1.44 42.80 -25.94
N ASP A 516 1.72 43.59 -26.97
CA ASP A 516 2.79 44.58 -26.95
C ASP A 516 2.37 45.91 -26.34
N THR A 517 1.10 46.06 -25.96
CA THR A 517 0.59 47.32 -25.43
C THR A 517 0.02 47.09 -24.03
N TYR A 518 0.40 47.96 -23.10
CA TYR A 518 -0.08 47.90 -21.72
C TYR A 518 -0.31 49.33 -21.24
N LYS A 519 -1.58 49.74 -21.20
CA LYS A 519 -1.95 51.10 -20.78
C LYS A 519 -2.18 51.07 -19.27
N PHE A 520 -1.11 51.33 -18.52
CA PHE A 520 -1.16 51.40 -17.06
C PHE A 520 -0.83 52.82 -16.61
N ASN A 521 -1.54 53.27 -15.58
CA ASN A 521 -1.30 54.58 -14.97
C ASN A 521 -1.40 55.70 -16.00
N GLY A 522 -2.31 55.57 -16.95
CA GLY A 522 -2.40 56.54 -18.03
C GLY A 522 -1.16 56.58 -18.90
N GLN A 523 -0.49 55.45 -19.06
CA GLN A 523 0.73 55.37 -19.85
C GLN A 523 0.77 54.05 -20.60
N GLU A 524 0.74 54.12 -21.92
CA GLU A 524 0.83 52.94 -22.77
C GLU A 524 2.28 52.71 -23.16
N PHE A 525 2.62 51.46 -23.43
CA PHE A 525 3.98 51.06 -23.76
C PHE A 525 3.97 50.12 -24.95
N LYS A 526 5.08 50.12 -25.70
CA LYS A 526 5.27 49.24 -26.84
C LYS A 526 6.36 48.23 -26.53
N ILE A 527 6.11 46.96 -26.84
CA ILE A 527 7.03 45.88 -26.54
C ILE A 527 7.45 45.22 -27.86
N THR A 528 8.75 45.10 -28.06
CA THR A 528 9.31 44.44 -29.24
C THR A 528 10.02 43.18 -28.81
N VAL A 529 9.64 42.05 -29.42
CA VAL A 529 10.23 40.76 -29.11
C VAL A 529 11.51 40.60 -29.92
N ARG A 530 12.64 40.41 -29.24
CA ARG A 530 13.92 40.20 -29.89
C ARG A 530 14.54 38.86 -29.53
N GLY A 531 14.46 38.45 -28.27
CA GLY A 531 14.94 37.14 -27.86
C GLY A 531 14.01 36.48 -26.88
N THR A 532 13.52 35.28 -27.21
CA THR A 532 12.56 34.56 -26.38
C THR A 532 13.26 33.38 -25.73
N GLU A 533 13.26 33.35 -24.40
CA GLU A 533 13.86 32.26 -23.65
C GLU A 533 12.98 31.93 -22.46
N GLU A 534 12.75 30.64 -22.25
CA GLU A 534 11.94 30.14 -21.14
C GLU A 534 12.84 29.33 -20.21
N ILE A 535 12.84 29.68 -18.93
CA ILE A 535 13.59 28.94 -17.92
C ILE A 535 12.58 28.22 -17.02
N PRO A 536 12.59 26.90 -16.98
CA PRO A 536 11.69 26.18 -16.07
C PRO A 536 12.20 26.25 -14.63
N LEU A 537 11.33 25.81 -13.72
CA LEU A 537 11.63 25.79 -12.30
C LEU A 537 11.61 24.36 -11.80
N GLU A 538 12.61 24.00 -11.00
CA GLU A 538 12.71 22.62 -10.49
C GLU A 538 11.58 22.30 -9.54
N TRP A 539 11.01 23.31 -8.87
CA TRP A 539 9.86 23.13 -8.00
C TRP A 539 8.53 23.23 -8.74
N GLY A 540 8.55 23.07 -10.05
CA GLY A 540 7.35 23.24 -10.85
C GLY A 540 7.16 24.68 -11.30
N GLY A 541 6.42 24.83 -12.40
CA GLY A 541 6.17 26.13 -12.98
C GLY A 541 7.25 26.56 -13.96
N LYS A 542 6.93 27.58 -14.74
CA LYS A 542 7.79 28.07 -15.80
C LYS A 542 7.95 29.58 -15.69
N LEU A 543 9.11 30.06 -16.15
CA LEU A 543 9.40 31.48 -16.20
C LEU A 543 9.88 31.83 -17.60
N VAL A 544 9.44 32.99 -18.10
CA VAL A 544 9.74 33.44 -19.45
C VAL A 544 10.33 34.84 -19.36
N PHE A 545 11.34 35.11 -20.20
CA PHE A 545 12.03 36.39 -20.23
C PHE A 545 12.11 36.92 -21.65
N ILE A 546 10.96 36.98 -22.34
CA ILE A 546 10.90 37.67 -23.61
C ILE A 546 11.37 39.11 -23.40
N ASN A 547 12.47 39.47 -24.08
CA ASN A 547 13.09 40.76 -23.88
C ASN A 547 12.45 41.82 -24.77
N SER A 548 12.54 43.07 -24.33
CA SER A 548 12.02 44.21 -25.06
C SER A 548 13.06 45.32 -25.11
N ILE A 549 14.29 44.95 -25.46
CA ILE A 549 15.38 45.92 -25.57
C ILE A 549 15.16 46.76 -26.81
N VAL A 550 15.26 48.08 -26.66
CA VAL A 550 14.96 49.01 -27.74
C VAL A 550 16.17 49.17 -28.64
N GLY A 551 16.26 48.33 -29.68
CA GLY A 551 17.31 48.44 -30.68
C GLY A 551 18.71 48.41 -30.10
N GLY A 552 18.89 47.65 -29.03
CA GLY A 552 20.16 47.65 -28.32
C GLY A 552 20.28 48.73 -27.26
N SER A 553 19.17 49.13 -26.65
CA SER A 553 19.24 50.13 -25.58
C SER A 553 20.04 49.62 -24.40
N ILE A 554 19.89 48.34 -24.07
CA ILE A 554 20.64 47.69 -22.99
C ILE A 554 21.33 46.47 -23.56
N ASP A 555 22.63 46.34 -23.31
CA ASP A 555 23.40 45.24 -23.86
C ASP A 555 22.95 43.92 -23.26
N ALA A 556 22.87 42.89 -24.12
CA ALA A 556 22.47 41.56 -23.67
C ALA A 556 23.51 40.92 -22.76
N ARG A 557 24.74 41.44 -22.74
CA ARG A 557 25.77 40.88 -21.89
C ARG A 557 25.43 40.97 -20.41
N PHE A 558 24.58 41.92 -20.02
CA PHE A 558 24.17 42.08 -18.64
C PHE A 558 22.92 41.28 -18.29
N LEU A 559 22.25 40.70 -19.29
CA LEU A 559 21.02 39.95 -19.02
C LEU A 559 21.18 38.85 -17.98
N PRO A 560 22.25 38.05 -17.96
CA PRO A 560 22.39 37.06 -16.88
C PRO A 560 22.41 37.69 -15.49
N ALA A 561 22.87 38.95 -15.37
CA ALA A 561 22.81 39.61 -14.06
C ALA A 561 21.37 39.83 -13.63
N ILE A 562 20.53 40.32 -14.54
CA ILE A 562 19.11 40.48 -14.22
C ILE A 562 18.49 39.12 -13.90
N MET A 563 18.89 38.08 -14.62
CA MET A 563 18.34 36.75 -14.36
C MET A 563 18.73 36.26 -12.97
N LYS A 564 20.00 36.41 -12.60
CA LYS A 564 20.44 35.99 -11.28
C LYS A 564 19.70 36.76 -10.19
N GLY A 565 19.54 38.07 -10.38
CA GLY A 565 18.74 38.84 -9.44
C GLY A 565 17.31 38.33 -9.35
N ILE A 566 16.71 37.99 -10.50
CA ILE A 566 15.33 37.55 -10.53
C ILE A 566 15.17 36.25 -9.74
N MET A 567 16.02 35.25 -10.01
CA MET A 567 15.88 33.99 -9.28
C MET A 567 16.29 34.15 -7.81
N SER A 568 17.24 35.04 -7.51
CA SER A 568 17.63 35.26 -6.12
C SER A 568 16.48 35.87 -5.33
N ARG A 569 15.68 36.71 -5.97
CA ARG A 569 14.45 37.16 -5.32
C ARG A 569 13.37 36.10 -5.35
N LEU A 570 13.40 35.22 -6.35
CA LEU A 570 12.28 34.31 -6.58
C LEU A 570 12.28 33.14 -5.61
N GLU A 571 13.45 32.61 -5.27
CA GLU A 571 13.48 31.35 -4.53
C GLU A 571 12.87 31.54 -3.14
N GLN A 572 12.73 32.79 -2.71
CA GLN A 572 11.99 33.13 -1.51
C GLN A 572 10.78 33.97 -1.88
N GLY A 573 9.62 33.59 -1.37
CA GLY A 573 8.40 34.32 -1.65
C GLY A 573 8.37 35.63 -0.89
N PRO A 574 7.78 36.66 -1.50
CA PRO A 574 7.62 37.94 -0.78
C PRO A 574 6.83 37.80 0.50
N LEU A 575 5.86 36.87 0.53
CA LEU A 575 5.18 36.50 1.75
C LEU A 575 5.45 35.02 2.02
N THR A 576 4.73 34.42 2.95
CA THR A 576 4.90 33.00 3.24
C THR A 576 4.64 32.17 1.98
N GLY A 577 5.44 31.13 1.79
CA GLY A 577 5.40 30.35 0.58
C GLY A 577 6.80 30.10 0.04
N SER A 578 7.09 28.84 -0.29
CA SER A 578 8.46 28.48 -0.68
C SER A 578 8.87 29.18 -1.97
N TYR A 579 8.03 29.18 -2.99
CA TYR A 579 8.40 29.70 -4.29
C TYR A 579 7.20 30.33 -4.97
N ALA A 580 7.39 30.68 -6.24
CA ALA A 580 6.32 31.17 -7.11
C ALA A 580 6.51 30.57 -8.48
N ARG A 581 5.42 30.51 -9.25
CA ARG A 581 5.45 29.85 -10.55
C ARG A 581 4.55 30.58 -11.53
N ASP A 582 4.78 30.33 -12.81
CA ASP A 582 3.99 30.89 -13.92
C ASP A 582 4.02 32.41 -13.90
N VAL A 583 5.22 32.99 -14.00
CA VAL A 583 5.39 34.43 -14.01
C VAL A 583 6.09 34.83 -15.29
N ARG A 584 5.50 35.77 -16.03
CA ARG A 584 6.08 36.29 -17.26
C ARG A 584 6.63 37.69 -16.99
N VAL A 585 7.90 37.90 -17.34
CA VAL A 585 8.62 39.13 -16.99
C VAL A 585 9.08 39.80 -18.28
N ILE A 586 8.82 41.10 -18.38
CA ILE A 586 9.23 41.91 -19.52
C ILE A 586 10.04 43.09 -19.00
N VAL A 587 11.24 43.29 -19.54
CA VAL A 587 12.13 44.39 -19.17
C VAL A 587 12.34 45.26 -20.40
N TYR A 588 12.13 46.57 -20.23
CA TYR A 588 12.16 47.49 -21.35
C TYR A 588 13.23 48.56 -21.25
N ASP A 589 13.34 49.24 -20.10
CA ASP A 589 14.17 50.42 -19.97
C ASP A 589 15.35 50.16 -19.05
N GLY A 590 16.50 50.71 -19.42
CA GLY A 590 17.70 50.59 -18.60
C GLY A 590 18.79 51.49 -19.11
N LYS A 591 19.73 51.80 -18.22
CA LYS A 591 20.87 52.66 -18.55
C LYS A 591 22.16 51.94 -18.21
N MET A 592 23.20 52.23 -18.97
CA MET A 592 24.50 51.56 -18.85
C MET A 592 25.56 52.62 -18.63
N HIS A 593 26.45 52.37 -17.65
CA HIS A 593 27.51 53.31 -17.31
C HIS A 593 28.86 52.71 -17.62
N PRO A 594 29.75 53.44 -18.31
CA PRO A 594 31.00 52.83 -18.78
C PRO A 594 31.87 52.25 -17.68
N VAL A 595 31.82 52.80 -16.47
CA VAL A 595 32.71 52.34 -15.40
C VAL A 595 31.90 51.88 -14.19
N ASP A 596 30.70 52.43 -14.02
CA ASP A 596 29.90 52.17 -12.84
C ASP A 596 28.89 51.04 -13.04
N SER A 597 28.84 50.43 -14.21
CA SER A 597 27.95 49.30 -14.46
C SER A 597 28.65 48.01 -14.02
N ASN A 598 28.02 47.28 -13.12
CA ASN A 598 28.58 46.03 -12.61
C ASN A 598 27.45 45.08 -12.27
N GLU A 599 27.80 43.80 -12.14
CA GLU A 599 26.79 42.76 -11.97
C GLU A 599 26.07 42.86 -10.63
N ILE A 600 26.78 43.30 -9.59
CA ILE A 600 26.17 43.37 -8.26
C ILE A 600 25.08 44.45 -8.23
N SER A 601 25.30 45.55 -8.96
CA SER A 601 24.26 46.57 -9.06
C SER A 601 22.98 45.98 -9.63
N PHE A 602 23.09 45.15 -10.66
CA PHE A 602 21.90 44.53 -11.22
C PHE A 602 21.35 43.44 -10.33
N MET A 603 22.22 42.73 -9.58
CA MET A 603 21.74 41.86 -8.51
C MET A 603 20.72 42.59 -7.65
N LEU A 604 21.19 43.67 -7.01
CA LEU A 604 20.35 44.39 -6.07
C LEU A 604 19.14 45.01 -6.76
N ALA A 605 19.35 45.59 -7.94
CA ALA A 605 18.25 46.25 -8.64
C ALA A 605 17.15 45.26 -9.00
N GLY A 606 17.51 44.14 -9.61
CA GLY A 606 16.52 43.13 -9.92
C GLY A 606 15.83 42.60 -8.68
N ARG A 607 16.59 42.33 -7.63
CA ARG A 607 15.98 41.80 -6.40
C ARG A 607 14.93 42.76 -5.85
N ASN A 608 15.31 44.03 -5.63
CA ASN A 608 14.37 44.96 -5.01
C ASN A 608 13.22 45.30 -5.96
N ALA A 609 13.50 45.46 -7.26
CA ALA A 609 12.44 45.78 -8.20
C ALA A 609 11.42 44.66 -8.29
N PHE A 610 11.87 43.41 -8.32
CA PHE A 610 10.94 42.29 -8.38
C PHE A 610 10.17 42.14 -7.07
N SER A 611 10.82 42.41 -5.94
CA SER A 611 10.12 42.38 -4.66
C SER A 611 9.00 43.41 -4.62
N GLU A 612 9.30 44.64 -5.02
CA GLU A 612 8.27 45.67 -5.01
C GLU A 612 7.25 45.46 -6.13
N ALA A 613 7.60 44.73 -7.19
CA ALA A 613 6.63 44.36 -8.20
C ALA A 613 5.61 43.38 -7.65
N PHE A 614 6.09 42.32 -6.98
CA PHE A 614 5.17 41.43 -6.28
C PHE A 614 4.36 42.16 -5.22
N LYS A 615 4.95 43.17 -4.58
CA LYS A 615 4.18 44.00 -3.66
C LYS A 615 3.07 44.74 -4.40
N ASN A 616 3.37 45.29 -5.58
CA ASN A 616 2.35 46.00 -6.36
C ASN A 616 1.36 45.02 -6.97
N ALA A 617 1.85 43.92 -7.54
CA ALA A 617 0.96 42.93 -8.12
C ALA A 617 0.17 42.22 -7.02
N GLY A 618 -0.91 41.57 -7.42
CA GLY A 618 -1.77 40.88 -6.49
C GLY A 618 -1.27 39.49 -6.15
N PRO A 619 -0.73 39.33 -4.93
CA PRO A 619 -0.24 38.01 -4.53
C PRO A 619 -1.38 37.05 -4.27
N LYS A 620 -1.16 35.79 -4.62
CA LYS A 620 -2.14 34.74 -4.41
C LYS A 620 -1.43 33.46 -3.97
N ILE A 621 -2.10 32.69 -3.12
CA ILE A 621 -1.55 31.46 -2.57
C ILE A 621 -2.25 30.28 -3.23
N LEU A 622 -1.48 29.26 -3.59
CA LEU A 622 -1.99 28.08 -4.26
C LEU A 622 -1.88 26.88 -3.33
N GLU A 623 -2.99 26.22 -3.07
CA GLU A 623 -3.07 25.00 -2.28
C GLU A 623 -3.03 23.78 -3.17
N PRO A 624 -2.13 22.83 -2.89
CA PRO A 624 -2.14 21.57 -3.65
C PRO A 624 -3.50 20.89 -3.53
N ILE A 625 -3.95 20.33 -4.64
CA ILE A 625 -5.25 19.67 -4.72
C ILE A 625 -5.01 18.21 -5.06
N TYR A 626 -5.62 17.32 -4.28
CA TYR A 626 -5.45 15.88 -4.44
C TYR A 626 -6.77 15.26 -4.83
N ASP A 627 -6.78 14.53 -5.94
CA ASP A 627 -7.99 13.83 -6.35
C ASP A 627 -8.27 12.67 -5.40
N VAL A 628 -9.53 12.50 -5.04
CA VAL A 628 -9.96 11.48 -4.09
C VAL A 628 -11.01 10.61 -4.77
N GLU A 629 -10.82 9.30 -4.70
CA GLU A 629 -11.74 8.32 -5.29
C GLU A 629 -12.32 7.50 -4.15
N VAL A 630 -13.42 7.97 -3.58
CA VAL A 630 -14.06 7.29 -2.46
C VAL A 630 -14.93 6.17 -3.00
N PHE A 631 -14.73 4.97 -2.46
CA PHE A 631 -15.50 3.78 -2.85
C PHE A 631 -16.38 3.43 -1.65
N VAL A 632 -17.59 3.96 -1.64
CA VAL A 632 -18.45 3.91 -0.46
C VAL A 632 -19.83 3.36 -0.84
N PRO A 633 -20.49 2.62 0.05
CA PRO A 633 -21.87 2.20 -0.23
C PRO A 633 -22.82 3.37 -0.23
N SER A 634 -23.97 3.16 -0.88
CA SER A 634 -24.97 4.21 -1.05
C SER A 634 -25.61 4.63 0.27
N ASP A 635 -25.54 3.80 1.31
CA ASP A 635 -26.21 4.12 2.56
C ASP A 635 -25.65 5.39 3.20
N ARG A 636 -24.41 5.75 2.87
CA ARG A 636 -23.77 6.93 3.43
C ARG A 636 -23.40 7.95 2.36
N MET A 637 -24.08 7.91 1.20
CA MET A 637 -23.80 8.88 0.15
C MET A 637 -24.08 10.30 0.62
N GLY A 638 -25.20 10.50 1.32
CA GLY A 638 -25.50 11.83 1.84
C GLY A 638 -24.50 12.29 2.86
N ASP A 639 -24.11 11.40 3.77
CA ASP A 639 -23.13 11.78 4.80
C ASP A 639 -21.80 12.16 4.16
N VAL A 640 -21.34 11.40 3.18
CA VAL A 640 -20.05 11.69 2.59
C VAL A 640 -20.11 12.98 1.75
N MET A 641 -21.20 13.21 1.02
CA MET A 641 -21.25 14.44 0.24
C MET A 641 -21.35 15.65 1.17
N GLY A 642 -22.09 15.54 2.26
CA GLY A 642 -22.15 16.63 3.22
C GLY A 642 -20.80 16.89 3.88
N ASP A 643 -20.08 15.83 4.24
CA ASP A 643 -18.76 16.00 4.83
C ASP A 643 -17.81 16.67 3.84
N LEU A 644 -17.84 16.25 2.57
CA LEU A 644 -16.99 16.88 1.58
C LEU A 644 -17.37 18.34 1.35
N GLN A 645 -18.67 18.64 1.34
CA GLN A 645 -19.11 20.02 1.22
C GLN A 645 -18.61 20.85 2.40
N GLY A 646 -18.56 20.26 3.58
CA GLY A 646 -17.93 20.92 4.71
C GLY A 646 -16.41 20.94 4.62
N ARG A 647 -15.83 20.22 3.66
CA ARG A 647 -14.39 20.18 3.45
C ARG A 647 -14.00 20.93 2.17
N ARG A 648 -14.74 22.00 1.86
CA ARG A 648 -14.54 22.85 0.68
C ARG A 648 -14.18 22.05 -0.56
N ALA A 649 -14.85 20.92 -0.77
CA ALA A 649 -14.58 20.05 -1.89
C ALA A 649 -15.40 20.46 -3.12
N MET A 650 -15.00 19.95 -4.27
CA MET A 650 -15.69 20.18 -5.54
C MET A 650 -16.13 18.83 -6.10
N ILE A 651 -17.43 18.61 -6.16
CA ILE A 651 -17.95 17.35 -6.67
C ILE A 651 -17.70 17.26 -8.16
N MET A 652 -17.13 16.13 -8.60
CA MET A 652 -16.84 15.89 -10.01
C MET A 652 -17.87 14.97 -10.65
N GLY A 653 -18.07 13.79 -10.08
CA GLY A 653 -19.02 12.84 -10.62
C GLY A 653 -19.27 11.65 -9.71
N MET A 654 -20.49 11.13 -9.73
CA MET A 654 -20.88 10.00 -8.90
C MET A 654 -21.04 8.79 -9.83
N SER A 655 -20.36 7.70 -9.49
CA SER A 655 -20.49 6.46 -10.24
C SER A 655 -21.44 5.52 -9.51
N SER A 656 -22.14 4.70 -10.29
CA SER A 656 -23.12 3.76 -9.75
C SER A 656 -22.77 2.34 -10.17
N GLU A 657 -22.71 1.45 -9.19
CA GLU A 657 -22.46 0.04 -9.42
C GLU A 657 -22.80 -0.74 -8.16
N LYS A 658 -23.28 -1.97 -8.33
CA LYS A 658 -23.70 -2.87 -7.25
C LYS A 658 -24.32 -2.12 -6.08
N GLY A 659 -23.63 -2.06 -4.95
CA GLY A 659 -24.10 -1.32 -3.80
C GLY A 659 -23.15 -0.23 -3.35
N PHE A 660 -21.98 -0.17 -4.00
CA PHE A 660 -20.95 0.81 -3.66
C PHE A 660 -20.82 1.81 -4.79
N GLU A 661 -20.82 3.10 -4.43
CA GLU A 661 -20.83 4.18 -5.41
C GLU A 661 -19.50 4.93 -5.35
N LYS A 662 -18.77 4.94 -6.46
CA LYS A 662 -17.52 5.66 -6.54
C LYS A 662 -17.77 7.16 -6.64
N LEU A 663 -16.87 7.94 -6.04
CA LEU A 663 -16.99 9.39 -6.00
C LEU A 663 -15.67 10.01 -6.46
N VAL A 664 -15.77 11.10 -7.21
CA VAL A 664 -14.63 11.85 -7.69
C VAL A 664 -14.77 13.29 -7.20
N ALA A 665 -13.69 13.85 -6.65
CA ALA A 665 -13.73 15.21 -6.14
C ALA A 665 -12.33 15.80 -6.13
N LYS A 666 -12.27 17.12 -6.29
CA LYS A 666 -11.05 17.89 -6.12
C LYS A 666 -11.03 18.47 -4.72
N VAL A 667 -10.02 18.12 -3.94
CA VAL A 667 -10.02 18.47 -2.52
C VAL A 667 -8.67 19.04 -2.09
N PRO A 668 -8.65 20.18 -1.39
CA PRO A 668 -7.39 20.69 -0.86
C PRO A 668 -6.80 19.75 0.18
N LEU A 669 -5.46 19.67 0.19
CA LEU A 669 -4.76 18.80 1.14
C LEU A 669 -4.80 19.34 2.57
N LYS A 670 -4.99 20.66 2.74
CA LYS A 670 -4.90 21.26 4.06
C LYS A 670 -5.88 20.63 5.04
N GLU A 671 -7.06 20.25 4.57
CA GLU A 671 -8.08 19.65 5.43
C GLU A 671 -8.09 18.13 5.31
N MET A 672 -7.16 17.56 4.56
CA MET A 672 -7.05 16.12 4.39
C MET A 672 -6.01 15.49 5.33
N SER A 673 -5.48 16.26 6.27
CA SER A 673 -4.50 15.72 7.20
C SER A 673 -5.07 14.64 8.10
N SER A 674 -6.40 14.60 8.28
CA SER A 674 -7.03 13.57 9.09
C SER A 674 -8.31 13.06 8.44
N TYR A 675 -8.36 13.05 7.12
CA TYR A 675 -9.58 12.68 6.42
C TYR A 675 -9.87 11.19 6.54
N SER A 676 -8.82 10.36 6.55
CA SER A 676 -9.01 8.92 6.59
C SER A 676 -9.73 8.48 7.87
N THR A 677 -9.31 9.04 9.01
CA THR A 677 -9.95 8.68 10.28
C THR A 677 -11.42 9.07 10.28
N ALA A 678 -11.73 10.28 9.79
CA ALA A 678 -13.12 10.71 9.75
C ALA A 678 -13.95 9.83 8.82
N LEU A 679 -13.40 9.49 7.66
CA LEU A 679 -14.14 8.64 6.73
C LEU A 679 -14.39 7.27 7.34
N SER A 680 -13.38 6.67 7.98
CA SER A 680 -13.54 5.37 8.60
C SER A 680 -14.57 5.43 9.72
N SER A 681 -14.57 6.49 10.51
CA SER A 681 -15.57 6.64 11.57
C SER A 681 -16.97 6.76 10.99
N LEU A 682 -17.13 7.54 9.92
CA LEU A 682 -18.46 7.75 9.35
C LEU A 682 -18.99 6.47 8.71
N THR A 683 -18.18 5.79 7.92
CA THR A 683 -18.66 4.60 7.21
C THR A 683 -18.37 3.31 7.96
N GLY A 684 -17.81 3.37 9.17
CA GLY A 684 -17.45 2.16 9.88
C GLY A 684 -16.32 1.39 9.26
N GLY A 685 -15.45 2.05 8.49
CA GLY A 685 -14.39 1.35 7.80
C GLY A 685 -14.81 0.63 6.54
N ARG A 686 -16.01 0.88 6.04
CA ARG A 686 -16.55 0.21 4.88
C ARG A 686 -16.10 0.83 3.56
N ALA A 687 -15.33 1.92 3.60
CA ALA A 687 -14.98 2.64 2.39
C ALA A 687 -13.49 2.97 2.40
N SER A 688 -12.93 3.13 1.20
CA SER A 688 -11.54 3.50 1.00
C SER A 688 -11.47 4.65 0.00
N PHE A 689 -10.27 5.22 -0.13
CA PHE A 689 -10.08 6.33 -1.04
C PHE A 689 -8.64 6.31 -1.56
N ILE A 690 -8.44 6.97 -2.70
CA ILE A 690 -7.14 7.02 -3.37
C ILE A 690 -6.76 8.47 -3.56
N MET A 691 -5.51 8.80 -3.25
CA MET A 691 -5.01 10.17 -3.33
C MET A 691 -3.98 10.28 -4.44
N LYS A 692 -4.05 11.37 -5.20
CA LYS A 692 -3.08 11.63 -6.25
C LYS A 692 -3.06 13.13 -6.55
N PHE A 693 -1.88 13.65 -6.83
CA PHE A 693 -1.71 15.07 -7.07
C PHE A 693 -2.29 15.46 -8.42
N ALA A 694 -2.89 16.65 -8.49
CA ALA A 694 -3.44 17.13 -9.78
C ALA A 694 -2.75 18.45 -10.14
N SER A 695 -3.29 19.58 -9.66
CA SER A 695 -2.73 20.90 -10.05
C SER A 695 -2.97 21.92 -8.95
N TYR A 696 -1.98 22.76 -8.65
CA TYR A 696 -2.21 23.85 -7.66
C TYR A 696 -3.36 24.71 -8.16
N GLU A 697 -4.10 25.35 -7.24
CA GLU A 697 -5.22 26.25 -7.62
C GLU A 697 -5.33 27.38 -6.58
N LEU A 698 -6.24 28.33 -6.79
CA LEU A 698 -6.36 29.46 -5.89
C LEU A 698 -7.06 29.07 -4.59
N VAL A 699 -7.09 30.01 -3.66
CA VAL A 699 -7.75 29.83 -2.36
C VAL A 699 -8.60 31.06 -2.06
N PRO A 700 -9.62 30.90 -1.22
CA PRO A 700 -10.41 32.06 -0.79
C PRO A 700 -9.56 33.04 0.03
N THR A 701 -10.12 34.23 0.21
CA THR A 701 -9.38 35.31 0.87
C THR A 701 -9.11 34.99 2.33
N ASP A 702 -10.10 34.42 3.03
CA ASP A 702 -9.98 34.27 4.48
C ASP A 702 -8.83 33.33 4.86
N VAL A 703 -8.71 32.21 4.16
CA VAL A 703 -7.66 31.24 4.51
C VAL A 703 -6.28 31.84 4.25
N GLN A 704 -6.11 32.55 3.15
CA GLN A 704 -4.82 33.16 2.86
C GLN A 704 -4.50 34.28 3.84
N ASP A 705 -5.51 35.04 4.26
CA ASP A 705 -5.27 36.07 5.27
C ASP A 705 -4.84 35.44 6.60
N LYS A 706 -5.50 34.36 6.99
CA LYS A 706 -5.10 33.65 8.21
C LYS A 706 -3.68 33.12 8.08
N LEU A 707 -3.35 32.56 6.92
CA LEU A 707 -2.00 32.03 6.70
C LEU A 707 -0.96 33.13 6.81
N ILE A 708 -1.23 34.29 6.20
CA ILE A 708 -0.30 35.41 6.29
C ILE A 708 -0.13 35.85 7.74
N LYS A 709 -1.25 36.02 8.45
CA LYS A 709 -1.19 36.46 9.83
C LYS A 709 -0.37 35.51 10.68
N ASP A 710 -0.57 34.19 10.49
CA ASP A 710 0.25 33.22 11.20
C ASP A 710 1.71 33.32 10.78
N PHE A 711 1.97 33.69 9.52
CA PHE A 711 3.35 33.81 9.07
C PHE A 711 4.08 34.92 9.80
N GLU A 712 3.49 36.13 9.85
CA GLU A 712 4.15 37.17 10.63
C GLU A 712 4.13 36.86 12.12
N ALA A 713 3.12 36.13 12.61
CA ALA A 713 3.13 35.74 14.02
C ALA A 713 4.34 34.88 14.34
N LYS A 714 4.66 33.92 13.47
CA LYS A 714 5.85 33.10 13.65
C LYS A 714 7.12 33.93 13.47
N GLN A 715 7.14 34.82 12.48
CA GLN A 715 8.33 35.60 12.18
C GLN A 715 8.66 36.59 13.30
N THR A 716 7.64 37.03 14.05
CA THR A 716 7.85 38.02 15.09
C THR A 716 8.84 37.54 16.14
N GLU A 717 8.92 36.23 16.36
CA GLU A 717 9.88 35.71 17.33
C GLU A 717 11.31 36.05 16.94
N GLU A 718 11.63 35.93 15.65
CA GLU A 718 12.97 36.27 15.16
C GLU A 718 13.04 37.75 14.79
MG MG B . -5.92 -14.76 14.22
PG GTP C . -4.89 -12.01 15.06
O1G GTP C . -4.58 -10.62 14.58
O2G GTP C . -3.96 -12.38 16.18
O3G GTP C . -4.71 -12.99 13.92
O3B GTP C . -6.41 -12.03 15.58
PB GTP C . -7.57 -12.60 14.63
O1B GTP C . -8.88 -11.93 14.98
O2B GTP C . -7.20 -12.35 13.18
O3A GTP C . -7.65 -14.17 14.97
PA GTP C . -7.24 -14.77 16.41
O1A GTP C . -7.32 -16.28 16.35
O2A GTP C . -5.85 -14.35 16.85
O5' GTP C . -8.31 -14.23 17.47
C5' GTP C . -8.20 -14.63 18.82
C4' GTP C . -9.56 -14.85 19.47
O4' GTP C . -10.31 -15.83 18.80
C3' GTP C . -9.44 -15.35 20.91
O3' GTP C . -9.47 -14.28 21.81
C2' GTP C . -10.66 -16.24 21.09
O2' GTP C . -11.61 -15.59 21.91
C1' GTP C . -11.23 -16.43 19.69
N9 GTP C . -11.36 -17.87 19.41
C8 GTP C . -10.62 -18.59 18.52
N7 GTP C . -11.06 -19.87 18.55
C5 GTP C . -12.07 -19.96 19.44
C6 GTP C . -12.87 -21.03 19.84
O6 GTP C . -12.70 -22.14 19.36
N1 GTP C . -13.86 -20.82 20.78
C2 GTP C . -14.04 -19.56 21.31
N2 GTP C . -14.99 -19.36 22.22
N3 GTP C . -13.24 -18.51 20.91
C4 GTP C . -12.27 -18.71 19.98
#